data_8BQV
# 
_entry.id   8BQV 
# 
_audit_conform.dict_name       mmcif_pdbx.dic 
_audit_conform.dict_version    5.395 
_audit_conform.dict_location   http://mmcif.pdb.org/dictionaries/ascii/mmcif_pdbx.dic 
# 
loop_
_database_2.database_id 
_database_2.database_code 
_database_2.pdbx_database_accession 
_database_2.pdbx_DOI 
PDB   8BQV         pdb_00008bqv 10.2210/pdb8bqv/pdb 
WWPDB D_1292124004 ?            ?                   
EMDB  EMD-16188    ?            ?                   
# 
loop_
_pdbx_audit_revision_history.ordinal 
_pdbx_audit_revision_history.data_content_type 
_pdbx_audit_revision_history.major_revision 
_pdbx_audit_revision_history.minor_revision 
_pdbx_audit_revision_history.revision_date 
1 'Structure model' 1 0 2023-02-22 
2 'Structure model' 1 1 2023-03-08 
3 'Structure model' 1 2 2023-05-03 
4 'Structure model' 1 3 2024-07-24 
# 
_pdbx_audit_revision_details.ordinal             1 
_pdbx_audit_revision_details.revision_ordinal    1 
_pdbx_audit_revision_details.data_content_type   'Structure model' 
_pdbx_audit_revision_details.provider            repository 
_pdbx_audit_revision_details.type                'Initial release' 
_pdbx_audit_revision_details.description         ? 
_pdbx_audit_revision_details.details             ? 
# 
loop_
_pdbx_audit_revision_group.ordinal 
_pdbx_audit_revision_group.revision_ordinal 
_pdbx_audit_revision_group.data_content_type 
_pdbx_audit_revision_group.group 
1 2 'Structure model' 'Database references' 
2 2 'Structure model' 'Structure summary'   
3 3 'Structure model' 'Database references' 
4 4 'Structure model' 'Data collection'     
# 
loop_
_pdbx_audit_revision_category.ordinal 
_pdbx_audit_revision_category.revision_ordinal 
_pdbx_audit_revision_category.data_content_type 
_pdbx_audit_revision_category.category 
1 2 'Structure model' audit_author    
2 2 'Structure model' citation        
3 2 'Structure model' citation_author 
4 3 'Structure model' citation        
5 4 'Structure model' chem_comp_atom  
6 4 'Structure model' chem_comp_bond  
7 4 'Structure model' em_admin        
# 
loop_
_pdbx_audit_revision_item.ordinal 
_pdbx_audit_revision_item.revision_ordinal 
_pdbx_audit_revision_item.data_content_type 
_pdbx_audit_revision_item.item 
1  2 'Structure model' '_citation.country'                 
2  2 'Structure model' '_citation.journal_abbrev'          
3  2 'Structure model' '_citation.journal_id_CSD'          
4  2 'Structure model' '_citation.journal_id_ISSN'         
5  2 'Structure model' '_citation.pdbx_database_id_DOI'    
6  2 'Structure model' '_citation.pdbx_database_id_PubMed' 
7  2 'Structure model' '_citation.title'                   
8  2 'Structure model' '_citation.year'                    
9  3 'Structure model' '_citation.journal_volume'          
10 3 'Structure model' '_citation.page_first'              
11 3 'Structure model' '_citation.page_last'               
12 4 'Structure model' '_em_admin.last_update'             
# 
_pdbx_database_status.status_code                     REL 
_pdbx_database_status.status_code_sf                  ? 
_pdbx_database_status.status_code_mr                  ? 
_pdbx_database_status.entry_id                        8BQV 
_pdbx_database_status.recvd_initial_deposition_date   2023-01-18 
_pdbx_database_status.SG_entry                        N 
_pdbx_database_status.deposit_site                    PDBE 
_pdbx_database_status.process_site                    PDBE 
_pdbx_database_status.status_code_cs                  ? 
_pdbx_database_status.status_code_nmr_data            ? 
_pdbx_database_status.methods_development_category    ? 
_pdbx_database_status.pdb_format_compatible           Y 
# 
_pdbx_database_related.db_name        EMDB 
_pdbx_database_related.details        'Cryo-EM structure of alpha-synuclein singlet filament from Juvenile-onset synucleinopathy' 
_pdbx_database_related.db_id          EMD-16188 
_pdbx_database_related.content_type   'associated EM volume' 
# 
loop_
_pdbx_contact_author.id 
_pdbx_contact_author.email 
_pdbx_contact_author.name_first 
_pdbx_contact_author.name_last 
_pdbx_contact_author.name_mi 
_pdbx_contact_author.role 
_pdbx_contact_author.identifier_ORCID 
2 scheres@mrc-lmb.cam.ac.uk Sjors  Scheres H.W. 'principal investigator/group leader' 0000-0002-0462-6540 
3 mg@mrc-lmb.cam.ac.uk      Michel Goedert ?    'principal investigator/group leader' 0000-0002-5214-7886 
# 
loop_
_audit_author.name 
_audit_author.pdbx_ordinal 
_audit_author.identifier_ORCID 
'Yang, Y.'          1  ? 
'Garringer, J.H.'   2  ? 
'Shi, Y.'           3  ? 
'Lovestam, S.'      4  ? 
'Peak-Chew, S.Y.'   5  ? 
'Zhang, X.J.'       6  ? 
'Kotecha, A.'       7  ? 
'Bacioglu, M.'      8  ? 
'Koto, A.'          9  ? 
'Takao, M.'         10 ? 
'Spillantini, G.M.' 11 ? 
'Ghetti, B.'        12 ? 
'Vidal, R.'         13 ? 
'Murzin, G.A.'      14 ? 
'Scheres, H.W.S.'   15 ? 
'Goedert, M.'       16 ? 
# 
_citation.abstract                  ? 
_citation.abstract_id_CAS           ? 
_citation.book_id_ISBN              ? 
_citation.book_publisher            ? 
_citation.book_publisher_city       ? 
_citation.book_title                ? 
_citation.coordinate_linkage        ? 
_citation.country                   DE 
_citation.database_id_Medline       ? 
_citation.details                   ? 
_citation.id                        primary 
_citation.journal_abbrev            'Acta Neuropathol' 
_citation.journal_id_ASTM           ? 
_citation.journal_id_CSD            ? 
_citation.journal_id_ISSN           1432-0533 
_citation.journal_full              ? 
_citation.journal_issue             ? 
_citation.journal_volume            145 
_citation.language                  ? 
_citation.page_first                561 
_citation.page_last                 572 
_citation.title                     
'New SNCA mutation and structures of alpha-synuclein filaments from juvenile-onset synucleinopathy.' 
_citation.year                      2023 
_citation.database_id_CSD           ? 
_citation.pdbx_database_id_DOI      10.1007/s00401-023-02550-8 
_citation.pdbx_database_id_PubMed   36847833 
_citation.pdbx_database_id_patent   ? 
_citation.unpublished_flag          ? 
# 
loop_
_citation_author.citation_id 
_citation_author.name 
_citation_author.ordinal 
_citation_author.identifier_ORCID 
primary 'Yang, Y.'          1  ? 
primary 'Garringer, H.J.'   2  ? 
primary 'Shi, Y.'           3  ? 
primary 'Lovestam, S.'      4  ? 
primary 'Peak-Chew, S.'     5  ? 
primary 'Zhang, X.'         6  ? 
primary 'Kotecha, A.'       7  ? 
primary 'Bacioglu, M.'      8  ? 
primary 'Koto, A.'          9  ? 
primary 'Takao, M.'         10 ? 
primary 'Spillantini, M.G.' 11 ? 
primary 'Ghetti, B.'        12 ? 
primary 'Vidal, R.'         13 ? 
primary 'Murzin, A.G.'      14 ? 
primary 'Scheres, S.H.W.'   15 ? 
primary 'Goedert, M.'       16 ? 
# 
loop_
_entity.id 
_entity.type 
_entity.src_method 
_entity.pdbx_description 
_entity.formula_weight 
_entity.pdbx_number_of_molecules 
_entity.pdbx_ec 
_entity.pdbx_mutation 
_entity.pdbx_fragment 
_entity.details 
1 polymer nat Alpha-synuclein   14476.108 1 ? ? ? ? 
2 polymer nat 'Unknown protein' 613.749   1 ? ? ? ? 
3 water   nat water             18.015    8 ? ? ? ? 
# 
_entity_name_com.entity_id   1 
_entity_name_com.name        'Non-A beta component of AD amyloid,Non-A4 component of amyloid precursor,NACP' 
# 
loop_
_entity_poly.entity_id 
_entity_poly.type 
_entity_poly.nstd_linkage 
_entity_poly.nstd_monomer 
_entity_poly.pdbx_seq_one_letter_code 
_entity_poly.pdbx_seq_one_letter_code_can 
_entity_poly.pdbx_strand_id 
_entity_poly.pdbx_target_identifier 
1 'polypeptide(L)' no no 
;MDVFMKGLSKAKEGVVAAAEKTKQGVAEAAGKTKEGVLYVGSKTKEGVVHGVATVAEKTKEQVTNVGGAVVTGVTAVAQK
TVEGAGSIAAATGFVKKDQLGKNEEGAPQEGILEDMPVDPDNEAYEMPSEEGYQDYEPEA
;
;MDVFMKGLSKAKEGVVAAAEKTKQGVAEAAGKTKEGVLYVGSKTKEGVVHGVATVAEKTKEQVTNVGGAVVTGVTAVAQK
TVEGAGSIAAATGFVKKDQLGKNEEGAPQEGILEDMPVDPDNEAYEMPSEEGYQDYEPEA
;
A ? 
2 'polypeptide(L)' no no '(UNK)(UNK)(UNK)(UNK)(UNK)(UNK)(UNK)' XXXXXXX C ? 
# 
_pdbx_entity_nonpoly.entity_id   3 
_pdbx_entity_nonpoly.name        water 
_pdbx_entity_nonpoly.comp_id     HOH 
# 
loop_
_entity_poly_seq.entity_id 
_entity_poly_seq.num 
_entity_poly_seq.mon_id 
_entity_poly_seq.hetero 
1 1   MET n 
1 2   ASP n 
1 3   VAL n 
1 4   PHE n 
1 5   MET n 
1 6   LYS n 
1 7   GLY n 
1 8   LEU n 
1 9   SER n 
1 10  LYS n 
1 11  ALA n 
1 12  LYS n 
1 13  GLU n 
1 14  GLY n 
1 15  VAL n 
1 16  VAL n 
1 17  ALA n 
1 18  ALA n 
1 19  ALA n 
1 20  GLU n 
1 21  LYS n 
1 22  THR n 
1 23  LYS n 
1 24  GLN n 
1 25  GLY n 
1 26  VAL n 
1 27  ALA n 
1 28  GLU n 
1 29  ALA n 
1 30  ALA n 
1 31  GLY n 
1 32  LYS n 
1 33  THR n 
1 34  LYS n 
1 35  GLU n 
1 36  GLY n 
1 37  VAL n 
1 38  LEU n 
1 39  TYR n 
1 40  VAL n 
1 41  GLY n 
1 42  SER n 
1 43  LYS n 
1 44  THR n 
1 45  LYS n 
1 46  GLU n 
1 47  GLY n 
1 48  VAL n 
1 49  VAL n 
1 50  HIS n 
1 51  GLY n 
1 52  VAL n 
1 53  ALA n 
1 54  THR n 
1 55  VAL n 
1 56  ALA n 
1 57  GLU n 
1 58  LYS n 
1 59  THR n 
1 60  LYS n 
1 61  GLU n 
1 62  GLN n 
1 63  VAL n 
1 64  THR n 
1 65  ASN n 
1 66  VAL n 
1 67  GLY n 
1 68  GLY n 
1 69  ALA n 
1 70  VAL n 
1 71  VAL n 
1 72  THR n 
1 73  GLY n 
1 74  VAL n 
1 75  THR n 
1 76  ALA n 
1 77  VAL n 
1 78  ALA n 
1 79  GLN n 
1 80  LYS n 
1 81  THR n 
1 82  VAL n 
1 83  GLU n 
1 84  GLY n 
1 85  ALA n 
1 86  GLY n 
1 87  SER n 
1 88  ILE n 
1 89  ALA n 
1 90  ALA n 
1 91  ALA n 
1 92  THR n 
1 93  GLY n 
1 94  PHE n 
1 95  VAL n 
1 96  LYS n 
1 97  LYS n 
1 98  ASP n 
1 99  GLN n 
1 100 LEU n 
1 101 GLY n 
1 102 LYS n 
1 103 ASN n 
1 104 GLU n 
1 105 GLU n 
1 106 GLY n 
1 107 ALA n 
1 108 PRO n 
1 109 GLN n 
1 110 GLU n 
1 111 GLY n 
1 112 ILE n 
1 113 LEU n 
1 114 GLU n 
1 115 ASP n 
1 116 MET n 
1 117 PRO n 
1 118 VAL n 
1 119 ASP n 
1 120 PRO n 
1 121 ASP n 
1 122 ASN n 
1 123 GLU n 
1 124 ALA n 
1 125 TYR n 
1 126 GLU n 
1 127 MET n 
1 128 PRO n 
1 129 SER n 
1 130 GLU n 
1 131 GLU n 
1 132 GLY n 
1 133 TYR n 
1 134 GLN n 
1 135 ASP n 
1 136 TYR n 
1 137 GLU n 
1 138 PRO n 
1 139 GLU n 
1 140 ALA n 
2 1   UNK n 
2 2   UNK n 
2 3   UNK n 
2 4   UNK n 
2 5   UNK n 
2 6   UNK n 
2 7   UNK n 
# 
loop_
_entity_src_nat.entity_id 
_entity_src_nat.pdbx_src_id 
_entity_src_nat.pdbx_alt_source_flag 
_entity_src_nat.pdbx_beg_seq_num 
_entity_src_nat.pdbx_end_seq_num 
_entity_src_nat.common_name 
_entity_src_nat.pdbx_organism_scientific 
_entity_src_nat.pdbx_ncbi_taxonomy_id 
_entity_src_nat.genus 
_entity_src_nat.species 
_entity_src_nat.strain 
_entity_src_nat.tissue 
_entity_src_nat.tissue_fraction 
_entity_src_nat.pdbx_secretion 
_entity_src_nat.pdbx_fragment 
_entity_src_nat.pdbx_variant 
_entity_src_nat.pdbx_cell_line 
_entity_src_nat.pdbx_atcc 
_entity_src_nat.pdbx_cellular_location 
_entity_src_nat.pdbx_organ 
_entity_src_nat.pdbx_organelle 
_entity_src_nat.pdbx_cell 
_entity_src_nat.pdbx_plasmid_name 
_entity_src_nat.pdbx_plasmid_details 
_entity_src_nat.details 
1 1 sample 1 140 human 'Homo sapiens' 9606 ? ? ? ? ? ? ? ? ? ? ? ? ? ? ? ? ? 
2 1 sample 1 7   Human 'Homo sapiens' 9606 ? ? ? ? ? ? ? ? ? ? ? ? ? ? ? ? ? 
# 
loop_
_chem_comp.id 
_chem_comp.type 
_chem_comp.mon_nstd_flag 
_chem_comp.name 
_chem_comp.pdbx_synonyms 
_chem_comp.formula 
_chem_comp.formula_weight 
ALA 'L-peptide linking' y ALANINE         ? 'C3 H7 N O2'     89.093  
ASN 'L-peptide linking' y ASPARAGINE      ? 'C4 H8 N2 O3'    132.118 
ASP 'L-peptide linking' y 'ASPARTIC ACID' ? 'C4 H7 N O4'     133.103 
GLN 'L-peptide linking' y GLUTAMINE       ? 'C5 H10 N2 O3'   146.144 
GLU 'L-peptide linking' y 'GLUTAMIC ACID' ? 'C5 H9 N O4'     147.129 
GLY 'peptide linking'   y GLYCINE         ? 'C2 H5 N O2'     75.067  
HIS 'L-peptide linking' y HISTIDINE       ? 'C6 H10 N3 O2 1' 156.162 
HOH non-polymer         . WATER           ? 'H2 O'           18.015  
ILE 'L-peptide linking' y ISOLEUCINE      ? 'C6 H13 N O2'    131.173 
LEU 'L-peptide linking' y LEUCINE         ? 'C6 H13 N O2'    131.173 
LYS 'L-peptide linking' y LYSINE          ? 'C6 H15 N2 O2 1' 147.195 
MET 'L-peptide linking' y METHIONINE      ? 'C5 H11 N O2 S'  149.211 
PHE 'L-peptide linking' y PHENYLALANINE   ? 'C9 H11 N O2'    165.189 
PRO 'L-peptide linking' y PROLINE         ? 'C5 H9 N O2'     115.130 
SER 'L-peptide linking' y SERINE          ? 'C3 H7 N O3'     105.093 
THR 'L-peptide linking' y THREONINE       ? 'C4 H9 N O3'     119.119 
TYR 'L-peptide linking' y TYROSINE        ? 'C9 H11 N O3'    181.189 
UNK 'L-peptide linking' . UNKNOWN         ? 'C4 H9 N O2'     103.120 
VAL 'L-peptide linking' y VALINE          ? 'C5 H11 N O2'    117.146 
# 
loop_
_pdbx_poly_seq_scheme.asym_id 
_pdbx_poly_seq_scheme.entity_id 
_pdbx_poly_seq_scheme.seq_id 
_pdbx_poly_seq_scheme.mon_id 
_pdbx_poly_seq_scheme.ndb_seq_num 
_pdbx_poly_seq_scheme.pdb_seq_num 
_pdbx_poly_seq_scheme.auth_seq_num 
_pdbx_poly_seq_scheme.pdb_mon_id 
_pdbx_poly_seq_scheme.auth_mon_id 
_pdbx_poly_seq_scheme.pdb_strand_id 
_pdbx_poly_seq_scheme.pdb_ins_code 
_pdbx_poly_seq_scheme.hetero 
A 1 1   MET 1   1   ?   ?   ?   A . n 
A 1 2   ASP 2   2   ?   ?   ?   A . n 
A 1 3   VAL 3   3   ?   ?   ?   A . n 
A 1 4   PHE 4   4   ?   ?   ?   A . n 
A 1 5   MET 5   5   ?   ?   ?   A . n 
A 1 6   LYS 6   6   ?   ?   ?   A . n 
A 1 7   GLY 7   7   ?   ?   ?   A . n 
A 1 8   LEU 8   8   ?   ?   ?   A . n 
A 1 9   SER 9   9   ?   ?   ?   A . n 
A 1 10  LYS 10  10  ?   ?   ?   A . n 
A 1 11  ALA 11  11  ?   ?   ?   A . n 
A 1 12  LYS 12  12  ?   ?   ?   A . n 
A 1 13  GLU 13  13  ?   ?   ?   A . n 
A 1 14  GLY 14  14  14  GLY GLY A . n 
A 1 15  VAL 15  15  15  VAL VAL A . n 
A 1 16  VAL 16  16  16  VAL VAL A . n 
A 1 17  ALA 17  17  17  ALA ALA A . n 
A 1 18  ALA 18  18  18  ALA ALA A . n 
A 1 19  ALA 19  19  19  ALA ALA A . n 
A 1 20  GLU 20  20  20  GLU GLU A . n 
A 1 21  LYS 21  21  21  LYS LYS A . n 
A 1 22  THR 22  22  22  THR THR A . n 
A 1 23  LYS 23  23  23  LYS LYS A . n 
A 1 24  GLN 24  24  24  GLN GLN A . n 
A 1 25  GLY 25  25  25  GLY GLY A . n 
A 1 26  VAL 26  26  ?   ?   ?   A . n 
A 1 27  ALA 27  27  ?   ?   ?   A . n 
A 1 28  GLU 28  28  ?   ?   ?   A . n 
A 1 29  ALA 29  29  ?   ?   ?   A . n 
A 1 30  ALA 30  30  ?   ?   ?   A . n 
A 1 31  GLY 31  31  ?   ?   ?   A . n 
A 1 32  LYS 32  32  ?   ?   ?   A . n 
A 1 33  THR 33  33  ?   ?   ?   A . n 
A 1 34  LYS 34  34  ?   ?   ?   A . n 
A 1 35  GLU 35  35  ?   ?   ?   A . n 
A 1 36  GLY 36  36  36  GLY GLY A . n 
A 1 37  VAL 37  37  37  VAL VAL A . n 
A 1 38  LEU 38  38  38  LEU LEU A . n 
A 1 39  TYR 39  39  39  TYR TYR A . n 
A 1 40  VAL 40  40  40  VAL VAL A . n 
A 1 41  GLY 41  41  41  GLY GLY A . n 
A 1 42  SER 42  42  42  SER SER A . n 
A 1 43  LYS 43  43  43  LYS LYS A . n 
A 1 44  THR 44  44  44  THR THR A . n 
A 1 45  LYS 45  45  45  LYS LYS A . n 
A 1 46  GLU 46  46  46  GLU GLU A . n 
A 1 47  GLY 47  47  47  GLY GLY A . n 
A 1 48  VAL 48  48  48  VAL VAL A . n 
A 1 49  VAL 49  49  49  VAL VAL A . n 
A 1 50  HIS 50  50  50  HIS HIS A . n 
A 1 51  GLY 51  51  51  GLY GLY A . n 
A 1 52  VAL 52  52  52  VAL VAL A . n 
A 1 53  ALA 53  53  53  ALA ALA A . n 
A 1 54  THR 54  54  54  THR THR A . n 
A 1 55  VAL 55  55  55  VAL VAL A . n 
A 1 56  ALA 56  56  56  ALA ALA A . n 
A 1 57  GLU 57  57  57  GLU GLU A . n 
A 1 58  LYS 58  58  58  LYS LYS A . n 
A 1 59  THR 59  59  59  THR THR A . n 
A 1 60  LYS 60  60  60  LYS LYS A . n 
A 1 61  GLU 61  61  61  GLU GLU A . n 
A 1 62  GLN 62  62  62  GLN GLN A . n 
A 1 63  VAL 63  63  63  VAL VAL A . n 
A 1 64  THR 64  64  64  THR THR A . n 
A 1 65  ASN 65  65  65  ASN ASN A . n 
A 1 66  VAL 66  66  66  VAL VAL A . n 
A 1 67  GLY 67  67  67  GLY GLY A . n 
A 1 68  GLY 68  68  68  GLY GLY A . n 
A 1 69  ALA 69  69  69  ALA ALA A . n 
A 1 70  VAL 70  70  70  VAL VAL A . n 
A 1 71  VAL 71  71  71  VAL VAL A . n 
A 1 72  THR 72  72  72  THR THR A . n 
A 1 73  GLY 73  73  73  GLY GLY A . n 
A 1 74  VAL 74  74  74  VAL VAL A . n 
A 1 75  THR 75  75  75  THR THR A . n 
A 1 76  ALA 76  76  76  ALA ALA A . n 
A 1 77  VAL 77  77  77  VAL VAL A . n 
A 1 78  ALA 78  78  78  ALA ALA A . n 
A 1 79  GLN 79  79  79  GLN GLN A . n 
A 1 80  LYS 80  80  80  LYS LYS A . n 
A 1 81  THR 81  81  81  THR THR A . n 
A 1 82  VAL 82  82  82  VAL VAL A . n 
A 1 83  GLU 83  83  83  GLU GLU A . n 
A 1 84  GLY 84  84  84  GLY GLY A . n 
A 1 85  ALA 85  85  85  ALA ALA A . n 
A 1 86  GLY 86  86  86  GLY GLY A . n 
A 1 87  SER 87  87  87  SER SER A . n 
A 1 88  ILE 88  88  88  ILE ILE A . n 
A 1 89  ALA 89  89  89  ALA ALA A . n 
A 1 90  ALA 90  90  90  ALA ALA A . n 
A 1 91  ALA 91  91  91  ALA ALA A . n 
A 1 92  THR 92  92  92  THR THR A . n 
A 1 93  GLY 93  93  93  GLY GLY A . n 
A 1 94  PHE 94  94  94  PHE PHE A . n 
A 1 95  VAL 95  95  95  VAL VAL A . n 
A 1 96  LYS 96  96  96  LYS LYS A . n 
A 1 97  LYS 97  97  97  LYS LYS A . n 
A 1 98  ASP 98  98  98  ASP ASP A . n 
A 1 99  GLN 99  99  99  GLN GLN A . n 
A 1 100 LEU 100 100 100 LEU LEU A . n 
A 1 101 GLY 101 101 ?   ?   ?   A . n 
A 1 102 LYS 102 102 ?   ?   ?   A . n 
A 1 103 ASN 103 103 ?   ?   ?   A . n 
A 1 104 GLU 104 104 ?   ?   ?   A . n 
A 1 105 GLU 105 105 ?   ?   ?   A . n 
A 1 106 GLY 106 106 ?   ?   ?   A . n 
A 1 107 ALA 107 107 ?   ?   ?   A . n 
A 1 108 PRO 108 108 ?   ?   ?   A . n 
A 1 109 GLN 109 109 ?   ?   ?   A . n 
A 1 110 GLU 110 110 ?   ?   ?   A . n 
A 1 111 GLY 111 111 ?   ?   ?   A . n 
A 1 112 ILE 112 112 ?   ?   ?   A . n 
A 1 113 LEU 113 113 ?   ?   ?   A . n 
A 1 114 GLU 114 114 ?   ?   ?   A . n 
A 1 115 ASP 115 115 ?   ?   ?   A . n 
A 1 116 MET 116 116 ?   ?   ?   A . n 
A 1 117 PRO 117 117 ?   ?   ?   A . n 
A 1 118 VAL 118 118 ?   ?   ?   A . n 
A 1 119 ASP 119 119 ?   ?   ?   A . n 
A 1 120 PRO 120 120 ?   ?   ?   A . n 
A 1 121 ASP 121 121 ?   ?   ?   A . n 
A 1 122 ASN 122 122 ?   ?   ?   A . n 
A 1 123 GLU 123 123 ?   ?   ?   A . n 
A 1 124 ALA 124 124 ?   ?   ?   A . n 
A 1 125 TYR 125 125 ?   ?   ?   A . n 
A 1 126 GLU 126 126 ?   ?   ?   A . n 
A 1 127 MET 127 127 ?   ?   ?   A . n 
A 1 128 PRO 128 128 ?   ?   ?   A . n 
A 1 129 SER 129 129 ?   ?   ?   A . n 
A 1 130 GLU 130 130 ?   ?   ?   A . n 
A 1 131 GLU 131 131 ?   ?   ?   A . n 
A 1 132 GLY 132 132 ?   ?   ?   A . n 
A 1 133 TYR 133 133 ?   ?   ?   A . n 
A 1 134 GLN 134 134 ?   ?   ?   A . n 
A 1 135 ASP 135 135 ?   ?   ?   A . n 
A 1 136 TYR 136 136 ?   ?   ?   A . n 
A 1 137 GLU 137 137 ?   ?   ?   A . n 
A 1 138 PRO 138 138 ?   ?   ?   A . n 
A 1 139 GLU 139 139 ?   ?   ?   A . n 
A 1 140 ALA 140 140 ?   ?   ?   A . n 
B 2 1   UNK 1   2   2   UNK ALA C . n 
B 2 2   UNK 2   3   3   UNK ALA C . n 
B 2 3   UNK 3   4   4   UNK ALA C . n 
B 2 4   UNK 4   5   5   UNK ALA C . n 
B 2 5   UNK 5   6   6   UNK ALA C . n 
B 2 6   UNK 6   7   7   UNK ALA C . n 
B 2 7   UNK 7   8   8   UNK ALA C . n 
# 
loop_
_pdbx_nonpoly_scheme.asym_id 
_pdbx_nonpoly_scheme.entity_id 
_pdbx_nonpoly_scheme.mon_id 
_pdbx_nonpoly_scheme.ndb_seq_num 
_pdbx_nonpoly_scheme.pdb_seq_num 
_pdbx_nonpoly_scheme.auth_seq_num 
_pdbx_nonpoly_scheme.pdb_mon_id 
_pdbx_nonpoly_scheme.auth_mon_id 
_pdbx_nonpoly_scheme.pdb_strand_id 
_pdbx_nonpoly_scheme.pdb_ins_code 
C 3 HOH 1 201 2  HOH HOH A . 
C 3 HOH 2 202 22 HOH HOH A . 
C 3 HOH 3 203 6  HOH HOH A . 
C 3 HOH 4 204 42 HOH HOH A . 
C 3 HOH 5 205 1  HOH HOH A . 
C 3 HOH 6 206 43 HOH HOH A . 
C 3 HOH 7 207 38 HOH HOH A . 
C 3 HOH 8 208 44 HOH HOH A . 
# 
_software.citation_id            ? 
_software.classification         refinement 
_software.compiler_name          ? 
_software.compiler_version       ? 
_software.contact_author         ? 
_software.contact_author_email   ? 
_software.date                   ? 
_software.description            ? 
_software.dependencies           ? 
_software.hardware               ? 
_software.language               ? 
_software.location               ? 
_software.mods                   ? 
_software.name                   REFMAC 
_software.os                     ? 
_software.os_version             ? 
_software.type                   ? 
_software.version                5.8.0350 
_software.pdbx_ordinal           1 
# 
_cell.angle_alpha                  90.00 
_cell.angle_alpha_esd              ? 
_cell.angle_beta                   90.00 
_cell.angle_beta_esd               ? 
_cell.angle_gamma                  90.00 
_cell.angle_gamma_esd              ? 
_cell.entry_id                     8BQV 
_cell.details                      ? 
_cell.formula_units_Z              ? 
_cell.length_a                     1.00 
_cell.length_a_esd                 ? 
_cell.length_b                     1.00 
_cell.length_b_esd                 ? 
_cell.length_c                     1.00 
_cell.length_c_esd                 ? 
_cell.volume                       ? 
_cell.volume_esd                   ? 
_cell.Z_PDB                        ? 
_cell.reciprocal_angle_alpha       ? 
_cell.reciprocal_angle_beta        ? 
_cell.reciprocal_angle_gamma       ? 
_cell.reciprocal_angle_alpha_esd   ? 
_cell.reciprocal_angle_beta_esd    ? 
_cell.reciprocal_angle_gamma_esd   ? 
_cell.reciprocal_length_a          ? 
_cell.reciprocal_length_b          ? 
_cell.reciprocal_length_c          ? 
_cell.reciprocal_length_a_esd      ? 
_cell.reciprocal_length_b_esd      ? 
_cell.reciprocal_length_c_esd      ? 
_cell.pdbx_unique_axis             ? 
_cell.pdbx_esd_method              ? 
# 
_symmetry.entry_id                         8BQV 
_symmetry.cell_setting                     ? 
_symmetry.Int_Tables_number                1 
_symmetry.space_group_name_Hall            ? 
_symmetry.space_group_name_H-M             'P 1' 
_symmetry.pdbx_full_space_group_name_H-M   ? 
# 
_exptl.absorpt_coefficient_mu     ? 
_exptl.absorpt_correction_T_max   ? 
_exptl.absorpt_correction_T_min   ? 
_exptl.absorpt_correction_type    ? 
_exptl.absorpt_process_details    ? 
_exptl.entry_id                   8BQV 
_exptl.crystals_number            ? 
_exptl.details                    ? 
_exptl.method                     'ELECTRON MICROSCOPY' 
_exptl.method_details             ? 
# 
_refine.aniso_B[1][1]                            ? 
_refine.aniso_B[1][2]                            ? 
_refine.aniso_B[1][3]                            ? 
_refine.aniso_B[2][2]                            ? 
_refine.aniso_B[2][3]                            ? 
_refine.aniso_B[3][3]                            ? 
_refine.B_iso_max                                ? 
_refine.B_iso_mean                               44.528 
_refine.B_iso_min                                ? 
_refine.correlation_coeff_Fo_to_Fc               0.769 
_refine.correlation_coeff_Fo_to_Fc_free          ? 
_refine.details                                  'HYDROGENS HAVE BEEN ADDED IN THE RIDING POSITIONS' 
_refine.diff_density_max                         ? 
_refine.diff_density_max_esd                     ? 
_refine.diff_density_min                         ? 
_refine.diff_density_min_esd                     ? 
_refine.diff_density_rms                         ? 
_refine.diff_density_rms_esd                     ? 
_refine.entry_id                                 8BQV 
_refine.pdbx_refine_id                           'ELECTRON MICROSCOPY' 
_refine.ls_abs_structure_details                 ? 
_refine.ls_abs_structure_Flack                   ? 
_refine.ls_abs_structure_Flack_esd               ? 
_refine.ls_abs_structure_Rogers                  ? 
_refine.ls_abs_structure_Rogers_esd              ? 
_refine.ls_d_res_high                            2.00 
_refine.ls_d_res_low                             85.79 
_refine.ls_extinction_coef                       ? 
_refine.ls_extinction_coef_esd                   ? 
_refine.ls_extinction_expression                 ? 
_refine.ls_extinction_method                     ? 
_refine.ls_goodness_of_fit_all                   ? 
_refine.ls_goodness_of_fit_all_esd               ? 
_refine.ls_goodness_of_fit_obs                   ? 
_refine.ls_goodness_of_fit_obs_esd               ? 
_refine.ls_hydrogen_treatment                    ? 
_refine.ls_matrix_type                           ? 
_refine.ls_number_constraints                    ? 
_refine.ls_number_parameters                     ? 
_refine.ls_number_reflns_all                     ? 
_refine.ls_number_reflns_obs                     68829 
_refine.ls_number_reflns_R_free                  ? 
_refine.ls_number_reflns_R_work                  ? 
_refine.ls_number_restraints                     ? 
_refine.ls_percent_reflns_obs                    100.00 
_refine.ls_percent_reflns_R_free                 ? 
_refine.ls_R_factor_all                          ? 
_refine.ls_R_factor_obs                          0.41530 
_refine.ls_R_factor_R_free                       ? 
_refine.ls_R_factor_R_free_error                 ? 
_refine.ls_R_factor_R_free_error_details         ? 
_refine.ls_R_factor_R_work                       0.41530 
_refine.ls_R_Fsqd_factor_obs                     ? 
_refine.ls_R_I_factor_obs                        ? 
_refine.ls_redundancy_reflns_all                 ? 
_refine.ls_redundancy_reflns_obs                 ? 
_refine.ls_restrained_S_all                      ? 
_refine.ls_restrained_S_obs                      ? 
_refine.ls_shift_over_esd_max                    ? 
_refine.ls_shift_over_esd_mean                   ? 
_refine.ls_structure_factor_coef                 ? 
_refine.ls_weighting_details                     ? 
_refine.ls_weighting_scheme                      ? 
_refine.ls_wR_factor_all                         ? 
_refine.ls_wR_factor_obs                         ? 
_refine.ls_wR_factor_R_free                      ? 
_refine.ls_wR_factor_R_work                      ? 
_refine.occupancy_max                            ? 
_refine.occupancy_min                            ? 
_refine.solvent_model_details                    'PARAMETERS FOR MASK CACLULATION' 
_refine.solvent_model_param_bsol                 ? 
_refine.solvent_model_param_ksol                 ? 
_refine.pdbx_R_complete                          ? 
_refine.ls_R_factor_gt                           ? 
_refine.ls_goodness_of_fit_gt                    ? 
_refine.ls_goodness_of_fit_ref                   ? 
_refine.ls_shift_over_su_max                     ? 
_refine.ls_shift_over_su_max_lt                  ? 
_refine.ls_shift_over_su_mean                    ? 
_refine.ls_shift_over_su_mean_lt                 ? 
_refine.pdbx_ls_sigma_I                          ? 
_refine.pdbx_ls_sigma_F                          ? 
_refine.pdbx_ls_sigma_Fsqd                       ? 
_refine.pdbx_data_cutoff_high_absF               ? 
_refine.pdbx_data_cutoff_high_rms_absF           ? 
_refine.pdbx_data_cutoff_low_absF                ? 
_refine.pdbx_isotropic_thermal_model             ? 
_refine.pdbx_ls_cross_valid_method               ? 
_refine.pdbx_method_to_determine_struct          ? 
_refine.pdbx_starting_model                      ? 
_refine.pdbx_stereochemistry_target_values       'MAXIMUM LIKELIHOOD WITH PHASES' 
_refine.pdbx_R_Free_selection_details            ? 
_refine.pdbx_stereochem_target_val_spec_case     ? 
_refine.pdbx_overall_ESU_R                       0.077 
_refine.pdbx_overall_ESU_R_Free                  ? 
_refine.pdbx_solvent_vdw_probe_radii             ? 
_refine.pdbx_solvent_ion_probe_radii             ? 
_refine.pdbx_solvent_shrinkage_radii             ? 
_refine.pdbx_real_space_R                        ? 
_refine.pdbx_density_correlation                 ? 
_refine.pdbx_pd_number_of_powder_patterns        ? 
_refine.pdbx_pd_number_of_points                 ? 
_refine.pdbx_pd_meas_number_of_points            ? 
_refine.pdbx_pd_proc_ls_prof_R_factor            ? 
_refine.pdbx_pd_proc_ls_prof_wR_factor           ? 
_refine.pdbx_pd_Marquardt_correlation_coeff      ? 
_refine.pdbx_pd_Fsqrd_R_factor                   ? 
_refine.pdbx_pd_ls_matrix_band_width             ? 
_refine.pdbx_overall_phase_error                 ? 
_refine.pdbx_overall_SU_R_free_Cruickshank_DPI   ? 
_refine.pdbx_overall_SU_R_free_Blow_DPI          ? 
_refine.pdbx_overall_SU_R_Blow_DPI               ? 
_refine.pdbx_TLS_residual_ADP_flag               ? 
_refine.pdbx_diffrn_id                           ? 
_refine.overall_SU_B                             2.933 
_refine.overall_SU_ML                            0.077 
_refine.overall_SU_R_Cruickshank_DPI             ? 
_refine.overall_SU_R_free                        ? 
_refine.overall_FOM_free_R_set                   ? 
_refine.overall_FOM_work_R_set                   ? 
_refine.pdbx_average_fsc_overall                 ? 
_refine.pdbx_average_fsc_work                    ? 
_refine.pdbx_average_fsc_free                    ? 
# 
_refine_hist.pdbx_refine_id                   'ELECTRON MICROSCOPY' 
_refine_hist.cycle_id                         1 
_refine_hist.details                          ? 
_refine_hist.d_res_high                       . 
_refine_hist.d_res_low                        . 
_refine_hist.number_atoms_solvent             ? 
_refine_hist.number_atoms_total               573 
_refine_hist.number_reflns_all                ? 
_refine_hist.number_reflns_obs                ? 
_refine_hist.number_reflns_R_free             ? 
_refine_hist.number_reflns_R_work             ? 
_refine_hist.R_factor_all                     ? 
_refine_hist.R_factor_obs                     ? 
_refine_hist.R_factor_R_free                  ? 
_refine_hist.R_factor_R_work                  ? 
_refine_hist.pdbx_number_residues_total       ? 
_refine_hist.pdbx_B_iso_mean_ligand           ? 
_refine_hist.pdbx_B_iso_mean_solvent          ? 
_refine_hist.pdbx_number_atoms_protein        ? 
_refine_hist.pdbx_number_atoms_nucleic_acid   ? 
_refine_hist.pdbx_number_atoms_ligand         ? 
_refine_hist.pdbx_number_atoms_lipid          ? 
_refine_hist.pdbx_number_atoms_carb           ? 
_refine_hist.pdbx_pseudo_atom_details         ? 
# 
loop_
_refine_ls_restr.pdbx_refine_id 
_refine_ls_restr.criterion 
_refine_ls_restr.dev_ideal 
_refine_ls_restr.dev_ideal_target 
_refine_ls_restr.number 
_refine_ls_restr.rejects 
_refine_ls_restr.type 
_refine_ls_restr.weight 
_refine_ls_restr.pdbx_restraint_function 
'ELECTRON MICROSCOPY' ? 0.003 0.011  565  ? r_bond_refined_d             ? ? 
'ELECTRON MICROSCOPY' ? 0.000 0.016  578  ? r_bond_other_d               ? ? 
'ELECTRON MICROSCOPY' ? 0.635 1.627  761  ? r_angle_refined_deg          ? ? 
'ELECTRON MICROSCOPY' ? 0.226 1.571  1332 ? r_angle_other_deg            ? ? 
'ELECTRON MICROSCOPY' ? 5.742 5.000  81   ? r_dihedral_angle_1_deg       ? ? 
'ELECTRON MICROSCOPY' ? ?     ?      ?    ? r_dihedral_angle_2_deg       ? ? 
'ELECTRON MICROSCOPY' ? 6.855 10.000 92   ? r_dihedral_angle_3_deg       ? ? 
'ELECTRON MICROSCOPY' ? ?     ?      ?    ? r_dihedral_angle_4_deg       ? ? 
'ELECTRON MICROSCOPY' ? 0.028 0.200  100  ? r_chiral_restr               ? ? 
'ELECTRON MICROSCOPY' ? 0.002 0.020  632  ? r_gen_planes_refined         ? ? 
'ELECTRON MICROSCOPY' ? 0.001 0.020  92   ? r_gen_planes_other           ? ? 
'ELECTRON MICROSCOPY' ? ?     ?      ?    ? r_nbd_refined                ? ? 
'ELECTRON MICROSCOPY' ? ?     ?      ?    ? r_nbd_other                  ? ? 
'ELECTRON MICROSCOPY' ? ?     ?      ?    ? r_nbtor_refined              ? ? 
'ELECTRON MICROSCOPY' ? ?     ?      ?    ? r_nbtor_other                ? ? 
'ELECTRON MICROSCOPY' ? ?     ?      ?    ? r_xyhbond_nbd_refined        ? ? 
'ELECTRON MICROSCOPY' ? ?     ?      ?    ? r_xyhbond_nbd_other          ? ? 
'ELECTRON MICROSCOPY' ? ?     ?      ?    ? r_metal_ion_refined          ? ? 
'ELECTRON MICROSCOPY' ? ?     ?      ?    ? r_metal_ion_other            ? ? 
'ELECTRON MICROSCOPY' ? ?     ?      ?    ? r_symmetry_vdw_refined       ? ? 
'ELECTRON MICROSCOPY' ? ?     ?      ?    ? r_symmetry_vdw_other         ? ? 
'ELECTRON MICROSCOPY' ? ?     ?      ?    ? r_symmetry_hbond_refined     ? ? 
'ELECTRON MICROSCOPY' ? ?     ?      ?    ? r_symmetry_hbond_other       ? ? 
'ELECTRON MICROSCOPY' ? ?     ?      ?    ? r_symmetry_metal_ion_refined ? ? 
'ELECTRON MICROSCOPY' ? ?     ?      ?    ? r_symmetry_metal_ion_other   ? ? 
'ELECTRON MICROSCOPY' ? 2.338 4.326  333  ? r_mcbond_it                  ? ? 
'ELECTRON MICROSCOPY' ? 2.335 4.325  333  ? r_mcbond_other               ? ? 
'ELECTRON MICROSCOPY' ? 4.152 6.401  411  ? r_mcangle_it                 ? ? 
'ELECTRON MICROSCOPY' ? 4.147 6.418  412  ? r_mcangle_other              ? ? 
'ELECTRON MICROSCOPY' ? 2.821 4.757  232  ? r_scbond_it                  ? ? 
'ELECTRON MICROSCOPY' ? 2.815 4.775  233  ? r_scbond_other               ? ? 
'ELECTRON MICROSCOPY' ? ?     ?      ?    ? r_scangle_it                 ? ? 
'ELECTRON MICROSCOPY' ? 4.830 6.909  351  ? r_scangle_other              ? ? 
'ELECTRON MICROSCOPY' ? 7.345 46.255 449  ? r_long_range_B_refined       ? ? 
'ELECTRON MICROSCOPY' ? 7.339 46.449 450  ? r_long_range_B_other         ? ? 
'ELECTRON MICROSCOPY' ? ?     ?      ?    ? r_rigid_bond_restr           ? ? 
'ELECTRON MICROSCOPY' ? ?     ?      ?    ? r_sphericity_free            ? ? 
'ELECTRON MICROSCOPY' ? ?     ?      ?    ? r_sphericity_bonded          ? ? 
# 
_refine_ls_shell.pdbx_refine_id                   'ELECTRON MICROSCOPY' 
_refine_ls_shell.d_res_high                       2.000 
_refine_ls_shell.d_res_low                        2.052 
_refine_ls_shell.number_reflns_all                ? 
_refine_ls_shell.number_reflns_obs                ? 
_refine_ls_shell.number_reflns_R_free             0 
_refine_ls_shell.number_reflns_R_work             5060 
_refine_ls_shell.percent_reflns_obs               100.00 
_refine_ls_shell.percent_reflns_R_free            ? 
_refine_ls_shell.R_factor_all                     ? 
_refine_ls_shell.R_factor_obs                     ? 
_refine_ls_shell.R_factor_R_free_error            ? 
_refine_ls_shell.R_factor_R_work                  1.220 
_refine_ls_shell.redundancy_reflns_all            ? 
_refine_ls_shell.redundancy_reflns_obs            ? 
_refine_ls_shell.wR_factor_all                    ? 
_refine_ls_shell.wR_factor_obs                    ? 
_refine_ls_shell.wR_factor_R_free                 ? 
_refine_ls_shell.wR_factor_R_work                 ? 
_refine_ls_shell.pdbx_R_complete                  ? 
_refine_ls_shell.pdbx_total_number_of_bins_used   20 
_refine_ls_shell.pdbx_phase_error                 ? 
_refine_ls_shell.pdbx_fsc_work                    ? 
_refine_ls_shell.pdbx_fsc_free                    ? 
_refine_ls_shell.R_factor_R_free                  0.000 
# 
loop_
_struct_ncs_oper.id 
_struct_ncs_oper.code 
_struct_ncs_oper.details 
_struct_ncs_oper.matrix[1][1] 
_struct_ncs_oper.matrix[1][2] 
_struct_ncs_oper.matrix[1][3] 
_struct_ncs_oper.matrix[2][1] 
_struct_ncs_oper.matrix[2][2] 
_struct_ncs_oper.matrix[2][3] 
_struct_ncs_oper.matrix[3][1] 
_struct_ncs_oper.matrix[3][2] 
_struct_ncs_oper.matrix[3][3] 
_struct_ncs_oper.vector[1] 
_struct_ncs_oper.vector[2] 
_struct_ncs_oper.vector[3] 
1 given    ? 1.000000   0.000000    0.000000    0.000000    1.000000   0.000000    0.000000    0.000000    1.000000   0.00000  0.00000  0.00000  
2 generate ? 0.99993091 0.00585648  0.01019206  -0.00564693 0.99977455 -0.02046867 -0.01030963 0.02040970  0.99973854 -4.12099 -2.03991 1.22986  
3 generate ? 0.99993091 -0.00564693 -0.01030963 0.00585648  0.99977455 0.02040970  0.01019206  -0.02046867 0.99973854 4.12187  2.03849  -1.22928  
# 
_struct.entry_id                     8BQV 
_struct.title                        'Cryo-EM structure of alpha-synuclein singlet filament from Juvenile-onset synucleinopathy' 
_struct.pdbx_model_details           ? 
_struct.pdbx_formula_weight          ? 
_struct.pdbx_formula_weight_method   ? 
_struct.pdbx_model_type_details      ? 
_struct.pdbx_CASP_flag               N 
# 
_struct_keywords.entry_id        8BQV 
_struct_keywords.text            
'alpha-synuclein, amyloid, fibril, insertion, juvenile-onset synucleinopathy (JOS), synucleinopathy, PROTEIN FIBRIL' 
_struct_keywords.pdbx_keywords   'PROTEIN FIBRIL' 
# 
loop_
_struct_asym.id 
_struct_asym.pdbx_blank_PDB_chainid_flag 
_struct_asym.pdbx_modified 
_struct_asym.entity_id 
_struct_asym.details 
A N N 1 ? 
B N N 2 ? 
C N N 3 ? 
# 
loop_
_struct_ref.id 
_struct_ref.db_name 
_struct_ref.db_code 
_struct_ref.pdbx_db_accession 
_struct_ref.pdbx_db_isoform 
_struct_ref.entity_id 
_struct_ref.pdbx_seq_one_letter_code 
_struct_ref.pdbx_align_begin 
1 UNP SYUA_HUMAN P37840 ? 1 
;MDVFMKGLSKAKEGVVAAAEKTKQGVAEAAGKTKEGVLYVGSKTKEGVVHGVATVAEKTKEQVTNVGGAVVTGVTAVAQK
TVEGAGSIAAATGFVKKDQLGKNEEGAPQEGILEDMPVDPDNEAYEMPSEEGYQDYEPEA
;
1 
2 PDB 8BQV       8BQV   ? 2 ? 1 
# 
loop_
_struct_ref_seq.align_id 
_struct_ref_seq.ref_id 
_struct_ref_seq.pdbx_PDB_id_code 
_struct_ref_seq.pdbx_strand_id 
_struct_ref_seq.seq_align_beg 
_struct_ref_seq.pdbx_seq_align_beg_ins_code 
_struct_ref_seq.seq_align_end 
_struct_ref_seq.pdbx_seq_align_end_ins_code 
_struct_ref_seq.pdbx_db_accession 
_struct_ref_seq.db_align_beg 
_struct_ref_seq.pdbx_db_align_beg_ins_code 
_struct_ref_seq.db_align_end 
_struct_ref_seq.pdbx_db_align_end_ins_code 
_struct_ref_seq.pdbx_auth_seq_align_beg 
_struct_ref_seq.pdbx_auth_seq_align_end 
1 1 8BQV A 1 ? 140 ? P37840 1 ? 140 ? 1 140 
2 2 8BQV C 1 ? 7   ? 8BQV   2 ? 8   ? 2 8   
# 
_pdbx_struct_assembly.id                   1 
_pdbx_struct_assembly.details              author_defined_assembly 
_pdbx_struct_assembly.method_details       ? 
_pdbx_struct_assembly.oligomeric_details   Decameric 
_pdbx_struct_assembly.oligomeric_count     10 
# 
_pdbx_struct_assembly_gen.assembly_id       1 
_pdbx_struct_assembly_gen.oper_expression   1,2,3,4,5 
_pdbx_struct_assembly_gen.asym_id_list      A,B,C 
# 
_pdbx_struct_assembly_auth_evidence.id                     1 
_pdbx_struct_assembly_auth_evidence.assembly_id            1 
_pdbx_struct_assembly_auth_evidence.experimental_support   'electron microscopy' 
_pdbx_struct_assembly_auth_evidence.details                ? 
# 
loop_
_pdbx_struct_oper_list.id 
_pdbx_struct_oper_list.type 
_pdbx_struct_oper_list.name 
_pdbx_struct_oper_list.symmetry_operation 
_pdbx_struct_oper_list.matrix[1][1] 
_pdbx_struct_oper_list.matrix[1][2] 
_pdbx_struct_oper_list.matrix[1][3] 
_pdbx_struct_oper_list.vector[1] 
_pdbx_struct_oper_list.matrix[2][1] 
_pdbx_struct_oper_list.matrix[2][2] 
_pdbx_struct_oper_list.matrix[2][3] 
_pdbx_struct_oper_list.vector[2] 
_pdbx_struct_oper_list.matrix[3][1] 
_pdbx_struct_oper_list.matrix[3][2] 
_pdbx_struct_oper_list.matrix[3][3] 
_pdbx_struct_oper_list.vector[3] 
1 'point symmetry operation' ?     ?     0.99972364 0.01191909  0.02026045  -8.24107 -0.01108090 0.99909819 -0.04098416 -4.08136 -0.02073076 0.04074829  0.99895417 2.46023  
2 'point symmetry operation' ?     ?     0.99993091 0.00585648  0.01019206  -4.12100 -0.00564693 0.99977455 -0.02046867 -2.03990 -0.01030963 0.02040970  0.99973854 1.22986  
3 'identity operation'       1_555 x,y,z 1          0           0           0        0           1          0           0        0           0           1          0        
4 'point symmetry operation' ?     ?     0.99993091 -0.00564693 -0.01030963 4.12187  0.00585648  0.99977455 0.02040970  2.03848  0.01019206  -0.02046867 0.99973854 -1.22929 
5 'point symmetry operation' ?     ?     0.99972364 -0.01108090 -0.02073076 8.24459  0.01191909  0.99909819 0.04074829  4.07564  0.02026045  -0.04098416 0.99895417 -2.45791  
# 
_em_3d_fitting.id                1 
_em_3d_fitting.entry_id          8BQV 
_em_3d_fitting.method            ? 
_em_3d_fitting.target_criteria   ? 
_em_3d_fitting.details           servalcat 
_em_3d_fitting.overall_b_value   ? 
_em_3d_fitting.ref_space         ? 
_em_3d_fitting.ref_protocol      ? 
# 
_em_3d_reconstruction.entry_id                    8BQV 
_em_3d_reconstruction.id                          1 
_em_3d_reconstruction.method                      ? 
_em_3d_reconstruction.algorithm                   ? 
_em_3d_reconstruction.citation_id                 ? 
_em_3d_reconstruction.details                     ? 
_em_3d_reconstruction.resolution                  2.0 
_em_3d_reconstruction.resolution_method           'FSC 0.143 CUT-OFF' 
_em_3d_reconstruction.magnification_calibration   ? 
_em_3d_reconstruction.nominal_pixel_size          ? 
_em_3d_reconstruction.actual_pixel_size           ? 
_em_3d_reconstruction.num_particles               214769 
_em_3d_reconstruction.euler_angles_details        ? 
_em_3d_reconstruction.num_class_averages          ? 
_em_3d_reconstruction.refinement_type             ? 
_em_3d_reconstruction.image_processing_id         1 
_em_3d_reconstruction.symmetry_type               HELICAL 
# 
_em_buffer.id            1 
_em_buffer.specimen_id   1 
_em_buffer.name          ? 
_em_buffer.details       ? 
_em_buffer.pH            7.5 
# 
_em_entity_assembly.id                   1 
_em_entity_assembly.parent_id            0 
_em_entity_assembly.source               NATURAL 
_em_entity_assembly.type                 TISSUE 
_em_entity_assembly.name                 'Alpha-synuclein singlet filament extracted from the human brain with JOS' 
_em_entity_assembly.details              ? 
_em_entity_assembly.synonym              ? 
_em_entity_assembly.oligomeric_details   ? 
_em_entity_assembly.entity_id_list       1,2 
# 
_em_imaging.entry_id                        8BQV 
_em_imaging.id                              1 
_em_imaging.astigmatism                     ? 
_em_imaging.electron_beam_tilt_params       ? 
_em_imaging.residual_tilt                   ? 
_em_imaging.microscope_model                'FEI TITAN KRIOS' 
_em_imaging.specimen_holder_type            ? 
_em_imaging.specimen_holder_model           ? 
_em_imaging.details                         ? 
_em_imaging.date                            ? 
_em_imaging.accelerating_voltage            300 
_em_imaging.illumination_mode               'FLOOD BEAM' 
_em_imaging.mode                            'BRIGHT FIELD' 
_em_imaging.nominal_cs                      ? 
_em_imaging.nominal_defocus_min             600 
_em_imaging.nominal_defocus_max             1400 
_em_imaging.calibrated_defocus_min          ? 
_em_imaging.calibrated_defocus_max          ? 
_em_imaging.tilt_angle_min                  ? 
_em_imaging.tilt_angle_max                  ? 
_em_imaging.nominal_magnification           ? 
_em_imaging.calibrated_magnification        ? 
_em_imaging.electron_source                 'FIELD EMISSION GUN' 
_em_imaging.citation_id                     ? 
_em_imaging.temperature                     ? 
_em_imaging.detector_distance               ? 
_em_imaging.recording_temperature_minimum   ? 
_em_imaging.recording_temperature_maximum   ? 
_em_imaging.alignment_procedure             ? 
_em_imaging.c2_aperture_diameter            ? 
_em_imaging.specimen_id                     1 
_em_imaging.cryogen                         ? 
# 
_em_vitrification.entry_id              8BQV 
_em_vitrification.id                    1 
_em_vitrification.specimen_id           1 
_em_vitrification.cryogen_name          ETHANE 
_em_vitrification.humidity              ? 
_em_vitrification.temp                  ? 
_em_vitrification.chamber_temperature   ? 
_em_vitrification.instrument            ? 
_em_vitrification.method                ? 
_em_vitrification.time_resolved_state   ? 
_em_vitrification.citation_id           ? 
_em_vitrification.details               ? 
# 
_em_experiment.entry_id                8BQV 
_em_experiment.id                      1 
_em_experiment.reconstruction_method   HELICAL 
_em_experiment.aggregation_state       FILAMENT 
_em_experiment.entity_assembly_id      1 
# 
loop_
_pdbx_unobs_or_zero_occ_residues.id 
_pdbx_unobs_or_zero_occ_residues.PDB_model_num 
_pdbx_unobs_or_zero_occ_residues.polymer_flag 
_pdbx_unobs_or_zero_occ_residues.occupancy_flag 
_pdbx_unobs_or_zero_occ_residues.auth_asym_id 
_pdbx_unobs_or_zero_occ_residues.auth_comp_id 
_pdbx_unobs_or_zero_occ_residues.auth_seq_id 
_pdbx_unobs_or_zero_occ_residues.PDB_ins_code 
_pdbx_unobs_or_zero_occ_residues.label_asym_id 
_pdbx_unobs_or_zero_occ_residues.label_comp_id 
_pdbx_unobs_or_zero_occ_residues.label_seq_id 
1  1 Y 1 A MET 1   ? A MET 1   
2  1 Y 1 A ASP 2   ? A ASP 2   
3  1 Y 1 A VAL 3   ? A VAL 3   
4  1 Y 1 A PHE 4   ? A PHE 4   
5  1 Y 1 A MET 5   ? A MET 5   
6  1 Y 1 A LYS 6   ? A LYS 6   
7  1 Y 1 A GLY 7   ? A GLY 7   
8  1 Y 1 A LEU 8   ? A LEU 8   
9  1 Y 1 A SER 9   ? A SER 9   
10 1 Y 1 A LYS 10  ? A LYS 10  
11 1 Y 1 A ALA 11  ? A ALA 11  
12 1 Y 1 A LYS 12  ? A LYS 12  
13 1 Y 1 A GLU 13  ? A GLU 13  
14 1 Y 1 A VAL 26  ? A VAL 26  
15 1 Y 1 A ALA 27  ? A ALA 27  
16 1 Y 1 A GLU 28  ? A GLU 28  
17 1 Y 1 A ALA 29  ? A ALA 29  
18 1 Y 1 A ALA 30  ? A ALA 30  
19 1 Y 1 A GLY 31  ? A GLY 31  
20 1 Y 1 A LYS 32  ? A LYS 32  
21 1 Y 1 A THR 33  ? A THR 33  
22 1 Y 1 A LYS 34  ? A LYS 34  
23 1 Y 1 A GLU 35  ? A GLU 35  
24 1 Y 1 A GLY 101 ? A GLY 101 
25 1 Y 1 A LYS 102 ? A LYS 102 
26 1 Y 1 A ASN 103 ? A ASN 103 
27 1 Y 1 A GLU 104 ? A GLU 104 
28 1 Y 1 A GLU 105 ? A GLU 105 
29 1 Y 1 A GLY 106 ? A GLY 106 
30 1 Y 1 A ALA 107 ? A ALA 107 
31 1 Y 1 A PRO 108 ? A PRO 108 
32 1 Y 1 A GLN 109 ? A GLN 109 
33 1 Y 1 A GLU 110 ? A GLU 110 
34 1 Y 1 A GLY 111 ? A GLY 111 
35 1 Y 1 A ILE 112 ? A ILE 112 
36 1 Y 1 A LEU 113 ? A LEU 113 
37 1 Y 1 A GLU 114 ? A GLU 114 
38 1 Y 1 A ASP 115 ? A ASP 115 
39 1 Y 1 A MET 116 ? A MET 116 
40 1 Y 1 A PRO 117 ? A PRO 117 
41 1 Y 1 A VAL 118 ? A VAL 118 
42 1 Y 1 A ASP 119 ? A ASP 119 
43 1 Y 1 A PRO 120 ? A PRO 120 
44 1 Y 1 A ASP 121 ? A ASP 121 
45 1 Y 1 A ASN 122 ? A ASN 122 
46 1 Y 1 A GLU 123 ? A GLU 123 
47 1 Y 1 A ALA 124 ? A ALA 124 
48 1 Y 1 A TYR 125 ? A TYR 125 
49 1 Y 1 A GLU 126 ? A GLU 126 
50 1 Y 1 A MET 127 ? A MET 127 
51 1 Y 1 A PRO 128 ? A PRO 128 
52 1 Y 1 A SER 129 ? A SER 129 
53 1 Y 1 A GLU 130 ? A GLU 130 
54 1 Y 1 A GLU 131 ? A GLU 131 
55 1 Y 1 A GLY 132 ? A GLY 132 
56 1 Y 1 A TYR 133 ? A TYR 133 
57 1 Y 1 A GLN 134 ? A GLN 134 
58 1 Y 1 A ASP 135 ? A ASP 135 
59 1 Y 1 A TYR 136 ? A TYR 136 
60 1 Y 1 A GLU 137 ? A GLU 137 
61 1 Y 1 A PRO 138 ? A PRO 138 
62 1 Y 1 A GLU 139 ? A GLU 139 
63 1 Y 1 A ALA 140 ? A ALA 140 
# 
loop_
_chem_comp_atom.comp_id 
_chem_comp_atom.atom_id 
_chem_comp_atom.type_symbol 
_chem_comp_atom.pdbx_aromatic_flag 
_chem_comp_atom.pdbx_stereo_config 
_chem_comp_atom.pdbx_ordinal 
ALA N    N N N 1   
ALA CA   C N S 2   
ALA C    C N N 3   
ALA O    O N N 4   
ALA CB   C N N 5   
ALA OXT  O N N 6   
ALA H    H N N 7   
ALA H2   H N N 8   
ALA HA   H N N 9   
ALA HB1  H N N 10  
ALA HB2  H N N 11  
ALA HB3  H N N 12  
ALA HXT  H N N 13  
ASN N    N N N 14  
ASN CA   C N S 15  
ASN C    C N N 16  
ASN O    O N N 17  
ASN CB   C N N 18  
ASN CG   C N N 19  
ASN OD1  O N N 20  
ASN ND2  N N N 21  
ASN OXT  O N N 22  
ASN H    H N N 23  
ASN H2   H N N 24  
ASN HA   H N N 25  
ASN HB2  H N N 26  
ASN HB3  H N N 27  
ASN HD21 H N N 28  
ASN HD22 H N N 29  
ASN HXT  H N N 30  
ASP N    N N N 31  
ASP CA   C N S 32  
ASP C    C N N 33  
ASP O    O N N 34  
ASP CB   C N N 35  
ASP CG   C N N 36  
ASP OD1  O N N 37  
ASP OD2  O N N 38  
ASP OXT  O N N 39  
ASP H    H N N 40  
ASP H2   H N N 41  
ASP HA   H N N 42  
ASP HB2  H N N 43  
ASP HB3  H N N 44  
ASP HD2  H N N 45  
ASP HXT  H N N 46  
GLN N    N N N 47  
GLN CA   C N S 48  
GLN C    C N N 49  
GLN O    O N N 50  
GLN CB   C N N 51  
GLN CG   C N N 52  
GLN CD   C N N 53  
GLN OE1  O N N 54  
GLN NE2  N N N 55  
GLN OXT  O N N 56  
GLN H    H N N 57  
GLN H2   H N N 58  
GLN HA   H N N 59  
GLN HB2  H N N 60  
GLN HB3  H N N 61  
GLN HG2  H N N 62  
GLN HG3  H N N 63  
GLN HE21 H N N 64  
GLN HE22 H N N 65  
GLN HXT  H N N 66  
GLU N    N N N 67  
GLU CA   C N S 68  
GLU C    C N N 69  
GLU O    O N N 70  
GLU CB   C N N 71  
GLU CG   C N N 72  
GLU CD   C N N 73  
GLU OE1  O N N 74  
GLU OE2  O N N 75  
GLU OXT  O N N 76  
GLU H    H N N 77  
GLU H2   H N N 78  
GLU HA   H N N 79  
GLU HB2  H N N 80  
GLU HB3  H N N 81  
GLU HG2  H N N 82  
GLU HG3  H N N 83  
GLU HE2  H N N 84  
GLU HXT  H N N 85  
GLY N    N N N 86  
GLY CA   C N N 87  
GLY C    C N N 88  
GLY O    O N N 89  
GLY OXT  O N N 90  
GLY H    H N N 91  
GLY H2   H N N 92  
GLY HA2  H N N 93  
GLY HA3  H N N 94  
GLY HXT  H N N 95  
HIS N    N N N 96  
HIS CA   C N S 97  
HIS C    C N N 98  
HIS O    O N N 99  
HIS CB   C N N 100 
HIS CG   C Y N 101 
HIS ND1  N Y N 102 
HIS CD2  C Y N 103 
HIS CE1  C Y N 104 
HIS NE2  N Y N 105 
HIS OXT  O N N 106 
HIS H    H N N 107 
HIS H2   H N N 108 
HIS HA   H N N 109 
HIS HB2  H N N 110 
HIS HB3  H N N 111 
HIS HD1  H N N 112 
HIS HD2  H N N 113 
HIS HE1  H N N 114 
HIS HE2  H N N 115 
HIS HXT  H N N 116 
HOH O    O N N 117 
HOH H1   H N N 118 
HOH H2   H N N 119 
ILE N    N N N 120 
ILE CA   C N S 121 
ILE C    C N N 122 
ILE O    O N N 123 
ILE CB   C N S 124 
ILE CG1  C N N 125 
ILE CG2  C N N 126 
ILE CD1  C N N 127 
ILE OXT  O N N 128 
ILE H    H N N 129 
ILE H2   H N N 130 
ILE HA   H N N 131 
ILE HB   H N N 132 
ILE HG12 H N N 133 
ILE HG13 H N N 134 
ILE HG21 H N N 135 
ILE HG22 H N N 136 
ILE HG23 H N N 137 
ILE HD11 H N N 138 
ILE HD12 H N N 139 
ILE HD13 H N N 140 
ILE HXT  H N N 141 
LEU N    N N N 142 
LEU CA   C N S 143 
LEU C    C N N 144 
LEU O    O N N 145 
LEU CB   C N N 146 
LEU CG   C N N 147 
LEU CD1  C N N 148 
LEU CD2  C N N 149 
LEU OXT  O N N 150 
LEU H    H N N 151 
LEU H2   H N N 152 
LEU HA   H N N 153 
LEU HB2  H N N 154 
LEU HB3  H N N 155 
LEU HG   H N N 156 
LEU HD11 H N N 157 
LEU HD12 H N N 158 
LEU HD13 H N N 159 
LEU HD21 H N N 160 
LEU HD22 H N N 161 
LEU HD23 H N N 162 
LEU HXT  H N N 163 
LYS N    N N N 164 
LYS CA   C N S 165 
LYS C    C N N 166 
LYS O    O N N 167 
LYS CB   C N N 168 
LYS CG   C N N 169 
LYS CD   C N N 170 
LYS CE   C N N 171 
LYS NZ   N N N 172 
LYS OXT  O N N 173 
LYS H    H N N 174 
LYS H2   H N N 175 
LYS HA   H N N 176 
LYS HB2  H N N 177 
LYS HB3  H N N 178 
LYS HG2  H N N 179 
LYS HG3  H N N 180 
LYS HD2  H N N 181 
LYS HD3  H N N 182 
LYS HE2  H N N 183 
LYS HE3  H N N 184 
LYS HZ1  H N N 185 
LYS HZ2  H N N 186 
LYS HZ3  H N N 187 
LYS HXT  H N N 188 
MET N    N N N 189 
MET CA   C N S 190 
MET C    C N N 191 
MET O    O N N 192 
MET CB   C N N 193 
MET CG   C N N 194 
MET SD   S N N 195 
MET CE   C N N 196 
MET OXT  O N N 197 
MET H    H N N 198 
MET H2   H N N 199 
MET HA   H N N 200 
MET HB2  H N N 201 
MET HB3  H N N 202 
MET HG2  H N N 203 
MET HG3  H N N 204 
MET HE1  H N N 205 
MET HE2  H N N 206 
MET HE3  H N N 207 
MET HXT  H N N 208 
PHE N    N N N 209 
PHE CA   C N S 210 
PHE C    C N N 211 
PHE O    O N N 212 
PHE CB   C N N 213 
PHE CG   C Y N 214 
PHE CD1  C Y N 215 
PHE CD2  C Y N 216 
PHE CE1  C Y N 217 
PHE CE2  C Y N 218 
PHE CZ   C Y N 219 
PHE OXT  O N N 220 
PHE H    H N N 221 
PHE H2   H N N 222 
PHE HA   H N N 223 
PHE HB2  H N N 224 
PHE HB3  H N N 225 
PHE HD1  H N N 226 
PHE HD2  H N N 227 
PHE HE1  H N N 228 
PHE HE2  H N N 229 
PHE HZ   H N N 230 
PHE HXT  H N N 231 
PRO N    N N N 232 
PRO CA   C N S 233 
PRO C    C N N 234 
PRO O    O N N 235 
PRO CB   C N N 236 
PRO CG   C N N 237 
PRO CD   C N N 238 
PRO OXT  O N N 239 
PRO H    H N N 240 
PRO HA   H N N 241 
PRO HB2  H N N 242 
PRO HB3  H N N 243 
PRO HG2  H N N 244 
PRO HG3  H N N 245 
PRO HD2  H N N 246 
PRO HD3  H N N 247 
PRO HXT  H N N 248 
SER N    N N N 249 
SER CA   C N S 250 
SER C    C N N 251 
SER O    O N N 252 
SER CB   C N N 253 
SER OG   O N N 254 
SER OXT  O N N 255 
SER H    H N N 256 
SER H2   H N N 257 
SER HA   H N N 258 
SER HB2  H N N 259 
SER HB3  H N N 260 
SER HG   H N N 261 
SER HXT  H N N 262 
THR N    N N N 263 
THR CA   C N S 264 
THR C    C N N 265 
THR O    O N N 266 
THR CB   C N R 267 
THR OG1  O N N 268 
THR CG2  C N N 269 
THR OXT  O N N 270 
THR H    H N N 271 
THR H2   H N N 272 
THR HA   H N N 273 
THR HB   H N N 274 
THR HG1  H N N 275 
THR HG21 H N N 276 
THR HG22 H N N 277 
THR HG23 H N N 278 
THR HXT  H N N 279 
TYR N    N N N 280 
TYR CA   C N S 281 
TYR C    C N N 282 
TYR O    O N N 283 
TYR CB   C N N 284 
TYR CG   C Y N 285 
TYR CD1  C Y N 286 
TYR CD2  C Y N 287 
TYR CE1  C Y N 288 
TYR CE2  C Y N 289 
TYR CZ   C Y N 290 
TYR OH   O N N 291 
TYR OXT  O N N 292 
TYR H    H N N 293 
TYR H2   H N N 294 
TYR HA   H N N 295 
TYR HB2  H N N 296 
TYR HB3  H N N 297 
TYR HD1  H N N 298 
TYR HD2  H N N 299 
TYR HE1  H N N 300 
TYR HE2  H N N 301 
TYR HH   H N N 302 
TYR HXT  H N N 303 
VAL N    N N N 304 
VAL CA   C N S 305 
VAL C    C N N 306 
VAL O    O N N 307 
VAL CB   C N N 308 
VAL CG1  C N N 309 
VAL CG2  C N N 310 
VAL OXT  O N N 311 
VAL H    H N N 312 
VAL H2   H N N 313 
VAL HA   H N N 314 
VAL HB   H N N 315 
VAL HG11 H N N 316 
VAL HG12 H N N 317 
VAL HG13 H N N 318 
VAL HG21 H N N 319 
VAL HG22 H N N 320 
VAL HG23 H N N 321 
VAL HXT  H N N 322 
# 
loop_
_chem_comp_bond.comp_id 
_chem_comp_bond.atom_id_1 
_chem_comp_bond.atom_id_2 
_chem_comp_bond.value_order 
_chem_comp_bond.pdbx_aromatic_flag 
_chem_comp_bond.pdbx_stereo_config 
_chem_comp_bond.pdbx_ordinal 
ALA N   CA   sing N N 1   
ALA N   H    sing N N 2   
ALA N   H2   sing N N 3   
ALA CA  C    sing N N 4   
ALA CA  CB   sing N N 5   
ALA CA  HA   sing N N 6   
ALA C   O    doub N N 7   
ALA C   OXT  sing N N 8   
ALA CB  HB1  sing N N 9   
ALA CB  HB2  sing N N 10  
ALA CB  HB3  sing N N 11  
ALA OXT HXT  sing N N 12  
ASN N   CA   sing N N 13  
ASN N   H    sing N N 14  
ASN N   H2   sing N N 15  
ASN CA  C    sing N N 16  
ASN CA  CB   sing N N 17  
ASN CA  HA   sing N N 18  
ASN C   O    doub N N 19  
ASN C   OXT  sing N N 20  
ASN CB  CG   sing N N 21  
ASN CB  HB2  sing N N 22  
ASN CB  HB3  sing N N 23  
ASN CG  OD1  doub N N 24  
ASN CG  ND2  sing N N 25  
ASN ND2 HD21 sing N N 26  
ASN ND2 HD22 sing N N 27  
ASN OXT HXT  sing N N 28  
ASP N   CA   sing N N 29  
ASP N   H    sing N N 30  
ASP N   H2   sing N N 31  
ASP CA  C    sing N N 32  
ASP CA  CB   sing N N 33  
ASP CA  HA   sing N N 34  
ASP C   O    doub N N 35  
ASP C   OXT  sing N N 36  
ASP CB  CG   sing N N 37  
ASP CB  HB2  sing N N 38  
ASP CB  HB3  sing N N 39  
ASP CG  OD1  doub N N 40  
ASP CG  OD2  sing N N 41  
ASP OD2 HD2  sing N N 42  
ASP OXT HXT  sing N N 43  
GLN N   CA   sing N N 44  
GLN N   H    sing N N 45  
GLN N   H2   sing N N 46  
GLN CA  C    sing N N 47  
GLN CA  CB   sing N N 48  
GLN CA  HA   sing N N 49  
GLN C   O    doub N N 50  
GLN C   OXT  sing N N 51  
GLN CB  CG   sing N N 52  
GLN CB  HB2  sing N N 53  
GLN CB  HB3  sing N N 54  
GLN CG  CD   sing N N 55  
GLN CG  HG2  sing N N 56  
GLN CG  HG3  sing N N 57  
GLN CD  OE1  doub N N 58  
GLN CD  NE2  sing N N 59  
GLN NE2 HE21 sing N N 60  
GLN NE2 HE22 sing N N 61  
GLN OXT HXT  sing N N 62  
GLU N   CA   sing N N 63  
GLU N   H    sing N N 64  
GLU N   H2   sing N N 65  
GLU CA  C    sing N N 66  
GLU CA  CB   sing N N 67  
GLU CA  HA   sing N N 68  
GLU C   O    doub N N 69  
GLU C   OXT  sing N N 70  
GLU CB  CG   sing N N 71  
GLU CB  HB2  sing N N 72  
GLU CB  HB3  sing N N 73  
GLU CG  CD   sing N N 74  
GLU CG  HG2  sing N N 75  
GLU CG  HG3  sing N N 76  
GLU CD  OE1  doub N N 77  
GLU CD  OE2  sing N N 78  
GLU OE2 HE2  sing N N 79  
GLU OXT HXT  sing N N 80  
GLY N   CA   sing N N 81  
GLY N   H    sing N N 82  
GLY N   H2   sing N N 83  
GLY CA  C    sing N N 84  
GLY CA  HA2  sing N N 85  
GLY CA  HA3  sing N N 86  
GLY C   O    doub N N 87  
GLY C   OXT  sing N N 88  
GLY OXT HXT  sing N N 89  
HIS N   CA   sing N N 90  
HIS N   H    sing N N 91  
HIS N   H2   sing N N 92  
HIS CA  C    sing N N 93  
HIS CA  CB   sing N N 94  
HIS CA  HA   sing N N 95  
HIS C   O    doub N N 96  
HIS C   OXT  sing N N 97  
HIS CB  CG   sing N N 98  
HIS CB  HB2  sing N N 99  
HIS CB  HB3  sing N N 100 
HIS CG  ND1  sing Y N 101 
HIS CG  CD2  doub Y N 102 
HIS ND1 CE1  doub Y N 103 
HIS ND1 HD1  sing N N 104 
HIS CD2 NE2  sing Y N 105 
HIS CD2 HD2  sing N N 106 
HIS CE1 NE2  sing Y N 107 
HIS CE1 HE1  sing N N 108 
HIS NE2 HE2  sing N N 109 
HIS OXT HXT  sing N N 110 
HOH O   H1   sing N N 111 
HOH O   H2   sing N N 112 
ILE N   CA   sing N N 113 
ILE N   H    sing N N 114 
ILE N   H2   sing N N 115 
ILE CA  C    sing N N 116 
ILE CA  CB   sing N N 117 
ILE CA  HA   sing N N 118 
ILE C   O    doub N N 119 
ILE C   OXT  sing N N 120 
ILE CB  CG1  sing N N 121 
ILE CB  CG2  sing N N 122 
ILE CB  HB   sing N N 123 
ILE CG1 CD1  sing N N 124 
ILE CG1 HG12 sing N N 125 
ILE CG1 HG13 sing N N 126 
ILE CG2 HG21 sing N N 127 
ILE CG2 HG22 sing N N 128 
ILE CG2 HG23 sing N N 129 
ILE CD1 HD11 sing N N 130 
ILE CD1 HD12 sing N N 131 
ILE CD1 HD13 sing N N 132 
ILE OXT HXT  sing N N 133 
LEU N   CA   sing N N 134 
LEU N   H    sing N N 135 
LEU N   H2   sing N N 136 
LEU CA  C    sing N N 137 
LEU CA  CB   sing N N 138 
LEU CA  HA   sing N N 139 
LEU C   O    doub N N 140 
LEU C   OXT  sing N N 141 
LEU CB  CG   sing N N 142 
LEU CB  HB2  sing N N 143 
LEU CB  HB3  sing N N 144 
LEU CG  CD1  sing N N 145 
LEU CG  CD2  sing N N 146 
LEU CG  HG   sing N N 147 
LEU CD1 HD11 sing N N 148 
LEU CD1 HD12 sing N N 149 
LEU CD1 HD13 sing N N 150 
LEU CD2 HD21 sing N N 151 
LEU CD2 HD22 sing N N 152 
LEU CD2 HD23 sing N N 153 
LEU OXT HXT  sing N N 154 
LYS N   CA   sing N N 155 
LYS N   H    sing N N 156 
LYS N   H2   sing N N 157 
LYS CA  C    sing N N 158 
LYS CA  CB   sing N N 159 
LYS CA  HA   sing N N 160 
LYS C   O    doub N N 161 
LYS C   OXT  sing N N 162 
LYS CB  CG   sing N N 163 
LYS CB  HB2  sing N N 164 
LYS CB  HB3  sing N N 165 
LYS CG  CD   sing N N 166 
LYS CG  HG2  sing N N 167 
LYS CG  HG3  sing N N 168 
LYS CD  CE   sing N N 169 
LYS CD  HD2  sing N N 170 
LYS CD  HD3  sing N N 171 
LYS CE  NZ   sing N N 172 
LYS CE  HE2  sing N N 173 
LYS CE  HE3  sing N N 174 
LYS NZ  HZ1  sing N N 175 
LYS NZ  HZ2  sing N N 176 
LYS NZ  HZ3  sing N N 177 
LYS OXT HXT  sing N N 178 
MET N   CA   sing N N 179 
MET N   H    sing N N 180 
MET N   H2   sing N N 181 
MET CA  C    sing N N 182 
MET CA  CB   sing N N 183 
MET CA  HA   sing N N 184 
MET C   O    doub N N 185 
MET C   OXT  sing N N 186 
MET CB  CG   sing N N 187 
MET CB  HB2  sing N N 188 
MET CB  HB3  sing N N 189 
MET CG  SD   sing N N 190 
MET CG  HG2  sing N N 191 
MET CG  HG3  sing N N 192 
MET SD  CE   sing N N 193 
MET CE  HE1  sing N N 194 
MET CE  HE2  sing N N 195 
MET CE  HE3  sing N N 196 
MET OXT HXT  sing N N 197 
PHE N   CA   sing N N 198 
PHE N   H    sing N N 199 
PHE N   H2   sing N N 200 
PHE CA  C    sing N N 201 
PHE CA  CB   sing N N 202 
PHE CA  HA   sing N N 203 
PHE C   O    doub N N 204 
PHE C   OXT  sing N N 205 
PHE CB  CG   sing N N 206 
PHE CB  HB2  sing N N 207 
PHE CB  HB3  sing N N 208 
PHE CG  CD1  doub Y N 209 
PHE CG  CD2  sing Y N 210 
PHE CD1 CE1  sing Y N 211 
PHE CD1 HD1  sing N N 212 
PHE CD2 CE2  doub Y N 213 
PHE CD2 HD2  sing N N 214 
PHE CE1 CZ   doub Y N 215 
PHE CE1 HE1  sing N N 216 
PHE CE2 CZ   sing Y N 217 
PHE CE2 HE2  sing N N 218 
PHE CZ  HZ   sing N N 219 
PHE OXT HXT  sing N N 220 
PRO N   CA   sing N N 221 
PRO N   CD   sing N N 222 
PRO N   H    sing N N 223 
PRO CA  C    sing N N 224 
PRO CA  CB   sing N N 225 
PRO CA  HA   sing N N 226 
PRO C   O    doub N N 227 
PRO C   OXT  sing N N 228 
PRO CB  CG   sing N N 229 
PRO CB  HB2  sing N N 230 
PRO CB  HB3  sing N N 231 
PRO CG  CD   sing N N 232 
PRO CG  HG2  sing N N 233 
PRO CG  HG3  sing N N 234 
PRO CD  HD2  sing N N 235 
PRO CD  HD3  sing N N 236 
PRO OXT HXT  sing N N 237 
SER N   CA   sing N N 238 
SER N   H    sing N N 239 
SER N   H2   sing N N 240 
SER CA  C    sing N N 241 
SER CA  CB   sing N N 242 
SER CA  HA   sing N N 243 
SER C   O    doub N N 244 
SER C   OXT  sing N N 245 
SER CB  OG   sing N N 246 
SER CB  HB2  sing N N 247 
SER CB  HB3  sing N N 248 
SER OG  HG   sing N N 249 
SER OXT HXT  sing N N 250 
THR N   CA   sing N N 251 
THR N   H    sing N N 252 
THR N   H2   sing N N 253 
THR CA  C    sing N N 254 
THR CA  CB   sing N N 255 
THR CA  HA   sing N N 256 
THR C   O    doub N N 257 
THR C   OXT  sing N N 258 
THR CB  OG1  sing N N 259 
THR CB  CG2  sing N N 260 
THR CB  HB   sing N N 261 
THR OG1 HG1  sing N N 262 
THR CG2 HG21 sing N N 263 
THR CG2 HG22 sing N N 264 
THR CG2 HG23 sing N N 265 
THR OXT HXT  sing N N 266 
TYR N   CA   sing N N 267 
TYR N   H    sing N N 268 
TYR N   H2   sing N N 269 
TYR CA  C    sing N N 270 
TYR CA  CB   sing N N 271 
TYR CA  HA   sing N N 272 
TYR C   O    doub N N 273 
TYR C   OXT  sing N N 274 
TYR CB  CG   sing N N 275 
TYR CB  HB2  sing N N 276 
TYR CB  HB3  sing N N 277 
TYR CG  CD1  doub Y N 278 
TYR CG  CD2  sing Y N 279 
TYR CD1 CE1  sing Y N 280 
TYR CD1 HD1  sing N N 281 
TYR CD2 CE2  doub Y N 282 
TYR CD2 HD2  sing N N 283 
TYR CE1 CZ   doub Y N 284 
TYR CE1 HE1  sing N N 285 
TYR CE2 CZ   sing Y N 286 
TYR CE2 HE2  sing N N 287 
TYR CZ  OH   sing N N 288 
TYR OH  HH   sing N N 289 
TYR OXT HXT  sing N N 290 
VAL N   CA   sing N N 291 
VAL N   H    sing N N 292 
VAL N   H2   sing N N 293 
VAL CA  C    sing N N 294 
VAL CA  CB   sing N N 295 
VAL CA  HA   sing N N 296 
VAL C   O    doub N N 297 
VAL C   OXT  sing N N 298 
VAL CB  CG1  sing N N 299 
VAL CB  CG2  sing N N 300 
VAL CB  HB   sing N N 301 
VAL CG1 HG11 sing N N 302 
VAL CG1 HG12 sing N N 303 
VAL CG1 HG13 sing N N 304 
VAL CG2 HG21 sing N N 305 
VAL CG2 HG22 sing N N 306 
VAL CG2 HG23 sing N N 307 
VAL OXT HXT  sing N N 308 
# 
_em_admin.current_status     REL 
_em_admin.deposition_date    2023-01-18 
_em_admin.deposition_site    PDBE 
_em_admin.entry_id           8BQV 
_em_admin.last_update        2024-07-24 
_em_admin.map_release_date   2023-02-22 
_em_admin.title              'Cryo-EM structure of alpha-synuclein singlet filament from Juvenile-onset synucleinopathy' 
# 
_em_ctf_correction.details                  ? 
_em_ctf_correction.em_image_processing_id   1 
_em_ctf_correction.id                       1 
_em_ctf_correction.type                     'PHASE FLIPPING AND AMPLITUDE CORRECTION' 
# 
_em_entity_assembly_naturalsource.cell                 ? 
_em_entity_assembly_naturalsource.cellular_location    ? 
_em_entity_assembly_naturalsource.entity_assembly_id   1 
_em_entity_assembly_naturalsource.id                   2 
_em_entity_assembly_naturalsource.ncbi_tax_id          9606 
_em_entity_assembly_naturalsource.organism             'Homo sapiens' 
_em_entity_assembly_naturalsource.organelle            ? 
_em_entity_assembly_naturalsource.organ                ? 
_em_entity_assembly_naturalsource.strain               ? 
_em_entity_assembly_naturalsource.tissue               ? 
# 
_em_helical_entity.id                             1 
_em_helical_entity.image_processing_id            1 
_em_helical_entity.details                        ? 
_em_helical_entity.axial_symmetry                 C1 
_em_helical_entity.angular_rotation_per_subunit   -1.33 
_em_helical_entity.axial_rise_per_subunit         4.77 
# 
_em_image_processing.details              ? 
_em_image_processing.id                   1 
_em_image_processing.image_recording_id   1 
# 
_em_image_recording.average_exposure_time               ? 
_em_image_recording.avg_electron_dose_per_subtomogram   ? 
_em_image_recording.avg_electron_dose_per_image         40 
_em_image_recording.details                             ? 
_em_image_recording.detector_mode                       ? 
_em_image_recording.film_or_detector_model              'FEI FALCON IV (4k x 4k)' 
_em_image_recording.id                                  1 
_em_image_recording.imaging_id                          1 
_em_image_recording.num_diffraction_images              ? 
_em_image_recording.num_grids_imaged                    ? 
_em_image_recording.num_real_images                     ? 
# 
loop_
_em_software.category 
_em_software.details 
_em_software.id 
_em_software.image_processing_id 
_em_software.fitting_id 
_em_software.imaging_id 
_em_software.name 
_em_software.version 
'PARTICLE SELECTION'            ? 1  1 ? ? RELION ?   
'IMAGE ACQUISITION'             ? 2  ? ? 1 ?      ?   
MASKING                         ? 3  ? ? ? ?      ?   
'CTF CORRECTION'                ? 4  1 ? ? RELION ?   
'LAYERLINE INDEXING'            ? 5  ? ? ? ?      ?   
'DIFFRACTION INDEXING'          ? 6  ? ? ? ?      ?   
'MODEL FITTING'                 ? 7  ? 1 ? Coot   ?   
OTHER                           ? 8  ? ? ? ?      ?   
'INITIAL EULER ASSIGNMENT'      ? 9  1 ? ? RELION 4.0 
'FINAL EULER ASSIGNMENT'        ? 10 1 ? ? ?      ?   
CLASSIFICATION                  ? 11 1 ? ? RELION ?   
RECONSTRUCTION                  ? 12 1 ? ? RELION 4.0 
'MODEL REFINEMENT'              ? 13 ? 1 ? REFMAC ?   
'VOLUME SELECTION'              ? 14 1 1 1 ?      ?   
'SERIES ALIGNMENT'              ? 15 1 1 1 ?      ?   
'MOLECULAR REPLACEMENT'         ? 16 1 1 1 ?      ?   
'LATTICE DISTORTION CORRECTION' ? 17 1 1 1 ?      ?   
'SYMMETRY DETERMINATION'        ? 18 1 1 1 ?      ?   
'CRYSTALLOGRAPHY MERGING'       ? 19 1 1 1 ?      ?   
# 
_em_specimen.concentration           ? 
_em_specimen.details                 ? 
_em_specimen.embedding_applied       NO 
_em_specimen.experiment_id           1 
_em_specimen.id                      1 
_em_specimen.shadowing_applied       NO 
_em_specimen.staining_applied        NO 
_em_specimen.vitrification_applied   YES 
# 
loop_
_pdbx_audit_support.funding_organization 
_pdbx_audit_support.country 
_pdbx_audit_support.grant_number 
_pdbx_audit_support.ordinal 
'Medical Research Council (MRC, United Kingdom)'                                                    'United Kingdom' 
MC_UP_A025_1013         1 
'Medical Research Council (MRC, United Kingdom)'                                                    'United Kingdom' 
'MC_U105184291 to M.G.' 2 
'Alzheimers Research UK (ARUK)'                                                                     'United Kingdom' ? 3 
'National Institutes of Health/National Institute of Neurological Disorders and Stroke (NIH/NINDS)' 'United States'  ? 4 
# 
_atom_sites.entry_id                    8BQV 
_atom_sites.Cartn_transf_matrix[1][1]   ? 
_atom_sites.Cartn_transf_matrix[1][2]   ? 
_atom_sites.Cartn_transf_matrix[1][3]   ? 
_atom_sites.Cartn_transf_matrix[2][1]   ? 
_atom_sites.Cartn_transf_matrix[2][2]   ? 
_atom_sites.Cartn_transf_matrix[2][3]   ? 
_atom_sites.Cartn_transf_matrix[3][1]   ? 
_atom_sites.Cartn_transf_matrix[3][2]   ? 
_atom_sites.Cartn_transf_matrix[3][3]   ? 
_atom_sites.Cartn_transf_vector[1]      ? 
_atom_sites.Cartn_transf_vector[2]      ? 
_atom_sites.Cartn_transf_vector[3]      ? 
_atom_sites.fract_transf_matrix[1][1]   1.000000 
_atom_sites.fract_transf_matrix[1][2]   0.000000 
_atom_sites.fract_transf_matrix[1][3]   0.000000 
_atom_sites.fract_transf_matrix[2][1]   0.000000 
_atom_sites.fract_transf_matrix[2][2]   1.000000 
_atom_sites.fract_transf_matrix[2][3]   0.000000 
_atom_sites.fract_transf_matrix[3][1]   0.000000 
_atom_sites.fract_transf_matrix[3][2]   0.000000 
_atom_sites.fract_transf_matrix[3][3]   1.000000 
_atom_sites.fract_transf_vector[1]      0.00000 
_atom_sites.fract_transf_vector[2]      0.00000 
_atom_sites.fract_transf_vector[3]      0.00000 
_atom_sites.solution_primary            ? 
_atom_sites.solution_secondary          ? 
_atom_sites.solution_hydrogens          ? 
_atom_sites.special_details             ? 
# 
loop_
_atom_type.symbol 
C 
N 
O 
# 
loop_
_atom_site.group_PDB 
_atom_site.id 
_atom_site.type_symbol 
_atom_site.label_atom_id 
_atom_site.label_alt_id 
_atom_site.label_comp_id 
_atom_site.label_asym_id 
_atom_site.label_entity_id 
_atom_site.label_seq_id 
_atom_site.pdbx_PDB_ins_code 
_atom_site.Cartn_x 
_atom_site.Cartn_y 
_atom_site.Cartn_z 
_atom_site.occupancy 
_atom_site.B_iso_or_equiv 
_atom_site.pdbx_formal_charge 
_atom_site.auth_seq_id 
_atom_site.auth_comp_id 
_atom_site.auth_asym_id 
_atom_site.auth_atom_id 
_atom_site.pdbx_PDB_model_num 
ATOM   1   N N   . GLY A 1 14  ? 7.009   -6.352  23.361  1.00 84.49  ? 14  GLY A N   1 
ATOM   2   C CA  . GLY A 1 14  ? 7.588   -7.397  22.493  1.00 83.00  ? 14  GLY A CA  1 
ATOM   3   C C   . GLY A 1 14  ? 6.823   -7.526  21.179  1.00 78.78  ? 14  GLY A C   1 
ATOM   4   O O   . GLY A 1 14  ? 6.321   -8.599  20.851  1.00 82.19  ? 14  GLY A O   1 
ATOM   5   N N   . VAL A 1 15  ? 6.762   -6.418  20.434  1.00 70.52  ? 15  VAL A N   1 
ATOM   6   C CA  . VAL A 1 15  ? 5.965   -6.332  19.222  1.00 65.68  ? 15  VAL A CA  1 
ATOM   7   C C   . VAL A 1 15  ? 6.771   -6.877  18.045  1.00 61.28  ? 15  VAL A C   1 
ATOM   8   O O   . VAL A 1 15  ? 7.978   -6.653  17.963  1.00 63.23  ? 15  VAL A O   1 
ATOM   9   C CB  . VAL A 1 15  ? 5.525   -4.883  18.954  1.00 69.45  ? 15  VAL A CB  1 
ATOM   10  C CG1 . VAL A 1 15  ? 4.645   -4.810  17.727  1.00 72.14  ? 15  VAL A CG1 1 
ATOM   11  C CG2 . VAL A 1 15  ? 4.798   -4.276  20.137  1.00 71.97  ? 15  VAL A CG2 1 
ATOM   12  N N   . VAL A 1 16  ? 6.092   -7.567  17.122  1.00 55.63  ? 16  VAL A N   1 
ATOM   13  C CA  . VAL A 1 16  ? 6.763   -8.149  15.972  1.00 52.57  ? 16  VAL A CA  1 
ATOM   14  C C   . VAL A 1 16  ? 5.761   -8.437  14.857  1.00 47.90  ? 16  VAL A C   1 
ATOM   15  O O   . VAL A 1 16  ? 4.679   -8.959  15.100  1.00 48.31  ? 16  VAL A O   1 
ATOM   16  C CB  . VAL A 1 16  ? 7.533   -9.425  16.362  1.00 56.54  ? 16  VAL A CB  1 
ATOM   17  C CG1 . VAL A 1 16  ? 6.667   -10.399 17.141  1.00 59.56  ? 16  VAL A CG1 1 
ATOM   18  C CG2 . VAL A 1 16  ? 8.145   -10.114 15.148  1.00 60.41  ? 16  VAL A CG2 1 
ATOM   19  N N   . ALA A 1 17  ? 6.160   -8.119  13.623  1.00 43.82  ? 17  ALA A N   1 
ATOM   20  C CA  . ALA A 1 17  ? 5.448   -8.553  12.437  1.00 41.22  ? 17  ALA A CA  1 
ATOM   21  C C   . ALA A 1 17  ? 6.428   -9.272  11.511  1.00 41.19  ? 17  ALA A C   1 
ATOM   22  O O   . ALA A 1 17  ? 7.526   -8.777  11.261  1.00 40.17  ? 17  ALA A O   1 
ATOM   23  C CB  . ALA A 1 17  ? 4.798   -7.363  11.770  1.00 41.03  ? 17  ALA A CB  1 
ATOM   24  N N   . ALA A 1 18  ? 6.035   -10.443 11.002  1.00 40.79  ? 18  ALA A N   1 
ATOM   25  C CA  . ALA A 1 18  ? 6.959   -11.282 10.257  1.00 41.45  ? 18  ALA A CA  1 
ATOM   26  C C   . ALA A 1 18  ? 6.249   -11.989 9.105   1.00 40.37  ? 18  ALA A C   1 
ATOM   27  O O   . ALA A 1 18  ? 5.094   -12.387 9.217   1.00 39.44  ? 18  ALA A O   1 
ATOM   28  C CB  . ALA A 1 18  ? 7.609   -12.271 11.197  1.00 42.30  ? 18  ALA A CB  1 
ATOM   29  N N   . ALA A 1 19  ? 6.970   -12.143 7.994   1.00 43.60  ? 19  ALA A N   1 
ATOM   30  C CA  . ALA A 1 19  ? 6.504   -12.927 6.866   1.00 46.50  ? 19  ALA A CA  1 
ATOM   31  C C   . ALA A 1 19  ? 7.653   -13.804 6.374   1.00 49.49  ? 19  ALA A C   1 
ATOM   32  O O   . ALA A 1 19  ? 8.611   -13.301 5.791   1.00 49.11  ? 19  ALA A O   1 
ATOM   33  C CB  . ALA A 1 19  ? 5.992   -11.999 5.790   1.00 47.63  ? 19  ALA A CB  1 
ATOM   34  N N   . GLU A 1 20  ? 7.560   -15.114 6.625   1.00 57.55  ? 20  GLU A N   1 
ATOM   35  C CA  . GLU A 1 20  ? 8.684   -16.013 6.417   1.00 63.04  ? 20  GLU A CA  1 
ATOM   36  C C   . GLU A 1 20  ? 8.303   -17.117 5.435   1.00 63.78  ? 20  GLU A C   1 
ATOM   37  O O   . GLU A 1 20  ? 7.159   -17.561 5.399   1.00 63.62  ? 20  GLU A O   1 
ATOM   38  C CB  . GLU A 1 20  ? 9.145   -16.598 7.753   1.00 67.62  ? 20  GLU A CB  1 
ATOM   39  C CG  . GLU A 1 20  ? 10.455  -17.363 7.660   1.00 73.32  ? 20  GLU A CG  1 
ATOM   40  C CD  . GLU A 1 20  ? 11.026  -17.836 8.988   1.00 79.60  ? 20  GLU A CD  1 
ATOM   41  O OE1 . GLU A 1 20  ? 12.179  -18.316 8.993   1.00 83.95  ? 20  GLU A OE1 1 
ATOM   42  O OE2 . GLU A 1 20  ? 10.317  -17.732 10.010  1.00 82.41  ? 20  GLU A OE2 1 
ATOM   43  N N   . LYS A 1 21  ? 9.290   -17.554 4.645   1.00 68.41  ? 21  LYS A N   1 
ATOM   44  C CA  . LYS A 1 21  ? 9.134   -18.689 3.752   1.00 71.65  ? 21  LYS A CA  1 
ATOM   45  C C   . LYS A 1 21  ? 10.308  -19.639 3.973   1.00 74.73  ? 21  LYS A C   1 
ATOM   46  O O   . LYS A 1 21  ? 11.296  -19.595 3.242   1.00 76.95  ? 21  LYS A O   1 
ATOM   47  C CB  . LYS A 1 21  ? 9.030   -18.205 2.302   1.00 73.00  ? 21  LYS A CB  1 
ATOM   48  C CG  . LYS A 1 21  ? 8.762   -19.294 1.271   1.00 78.12  ? 21  LYS A CG  1 
ATOM   49  C CD  . LYS A 1 21  ? 8.587   -18.764 -0.137  1.00 81.50  ? 21  LYS A CD  1 
ATOM   50  C CE  . LYS A 1 21  ? 8.352   -19.858 -1.158  1.00 83.73  ? 21  LYS A CE  1 
ATOM   51  N NZ  . LYS A 1 21  ? 8.213   -19.310 -2.529  1.00 84.27  ? 21  LYS A NZ  1 
ATOM   52  N N   . THR A 1 22  ? 10.188  -20.481 5.006   1.00 78.32  ? 22  THR A N   1 
ATOM   53  C CA  . THR A 1 22  ? 11.203  -21.470 5.335   1.00 83.23  ? 22  THR A CA  1 
ATOM   54  C C   . THR A 1 22  ? 11.018  -22.697 4.446   1.00 89.21  ? 22  THR A C   1 
ATOM   55  O O   . THR A 1 22  ? 9.899   -23.021 4.052   1.00 91.66  ? 22  THR A O   1 
ATOM   56  C CB  . THR A 1 22  ? 11.142  -21.840 6.823   1.00 84.10  ? 22  THR A CB  1 
ATOM   57  O OG1 . THR A 1 22  ? 11.271  -20.640 7.586   1.00 83.88  ? 22  THR A OG1 1 
ATOM   58  C CG2 . THR A 1 22  ? 12.218  -22.819 7.238   1.00 85.58  ? 22  THR A CG2 1 
ATOM   59  N N   . LYS A 1 23  ? 12.131  -23.374 4.136   1.00 95.96  ? 23  LYS A N   1 
ATOM   60  C CA  . LYS A 1 23  ? 12.110  -24.558 3.294   1.00 102.11 ? 23  LYS A CA  1 
ATOM   61  C C   . LYS A 1 23  ? 13.253  -25.479 3.711   1.00 104.81 ? 23  LYS A C   1 
ATOM   62  O O   . LYS A 1 23  ? 14.221  -25.660 2.974   1.00 105.14 ? 23  LYS A O   1 
ATOM   63  C CB  . LYS A 1 23  ? 12.188  -24.148 1.819   1.00 105.00 ? 23  LYS A CB  1 
ATOM   64  C CG  . LYS A 1 23  ? 11.907  -25.259 0.816   1.00 108.56 ? 23  LYS A CG  1 
ATOM   65  C CD  . LYS A 1 23  ? 11.986  -24.815 -0.634  1.00 112.56 ? 23  LYS A CD  1 
ATOM   66  C CE  . LYS A 1 23  ? 10.900  -23.835 -1.027  1.00 115.02 ? 23  LYS A CE  1 
ATOM   67  N NZ  . LYS A 1 23  ? 10.978  -23.478 -2.463  1.00 116.39 ? 23  LYS A NZ  1 
ATOM   68  N N   . GLN A 1 24  ? 13.121  -26.052 4.913   1.00 110.16 ? 24  GLN A N   1 
ATOM   69  C CA  . GLN A 1 24  ? 14.123  -26.945 5.474   1.00 114.58 ? 24  GLN A CA  1 
ATOM   70  C C   . GLN A 1 24  ? 14.026  -28.304 4.784   1.00 116.24 ? 24  GLN A C   1 
ATOM   71  O O   . GLN A 1 24  ? 12.965  -28.680 4.289   1.00 117.93 ? 24  GLN A O   1 
ATOM   72  C CB  . GLN A 1 24  ? 13.923  -27.063 6.987   1.00 117.54 ? 24  GLN A CB  1 
ATOM   73  C CG  . GLN A 1 24  ? 15.025  -27.837 7.698   1.00 120.89 ? 24  GLN A CG  1 
ATOM   74  C CD  . GLN A 1 24  ? 14.888  -27.818 9.202   1.00 124.26 ? 24  GLN A CD  1 
ATOM   75  O OE1 . GLN A 1 24  ? 15.708  -28.384 9.923   1.00 126.23 ? 24  GLN A OE1 1 
ATOM   76  N NE2 . GLN A 1 24  ? 13.848  -27.165 9.694   1.00 125.13 ? 24  GLN A NE2 1 
ATOM   77  N N   . GLY A 1 25  ? 15.149  -29.031 4.757   1.00 119.06 ? 25  GLY A N   1 
ATOM   78  C CA  . GLY A 1 25  ? 15.203  -30.346 4.138   1.00 120.18 ? 25  GLY A CA  1 
ATOM   79  C C   . GLY A 1 25  ? 16.524  -31.045 4.408   1.00 121.05 ? 25  GLY A C   1 
ATOM   80  O O   . GLY A 1 25  ? 16.916  -31.866 3.555   1.00 122.19 ? 25  GLY A O   1 
ATOM   81  N N   . GLY A 1 36  ? 12.475  -35.311 -16.522 1.00 96.47  ? 36  GLY A N   1 
ATOM   82  C CA  . GLY A 1 36  ? 12.237  -34.520 -17.747 1.00 95.19  ? 36  GLY A CA  1 
ATOM   83  C C   . GLY A 1 36  ? 11.097  -33.522 -17.564 1.00 92.35  ? 36  GLY A C   1 
ATOM   84  O O   . GLY A 1 36  ? 10.071  -33.616 -18.235 1.00 92.39  ? 36  GLY A O   1 
ATOM   85  N N   . VAL A 1 37  ? 11.298  -32.566 -16.649 1.00 86.77  ? 37  VAL A N   1 
ATOM   86  C CA  . VAL A 1 37  ? 10.299  -31.554 -16.348 1.00 81.92  ? 37  VAL A CA  1 
ATOM   87  C C   . VAL A 1 37  ? 10.478  -30.394 -17.323 1.00 75.93  ? 37  VAL A C   1 
ATOM   88  O O   . VAL A 1 37  ? 11.604  -29.987 -17.603 1.00 78.44  ? 37  VAL A O   1 
ATOM   89  C CB  . VAL A 1 37  ? 10.393  -31.082 -14.884 1.00 82.04  ? 37  VAL A CB  1 
ATOM   90  C CG1 . VAL A 1 37  ? 9.249   -30.146 -14.522 1.00 83.78  ? 37  VAL A CG1 1 
ATOM   91  C CG2 . VAL A 1 37  ? 10.448  -32.253 -13.915 1.00 83.18  ? 37  VAL A CG2 1 
ATOM   92  N N   . LEU A 1 38  ? 9.356   -29.870 -17.835 1.00 69.58  ? 38  LEU A N   1 
ATOM   93  C CA  . LEU A 1 38  ? 9.374   -28.755 -18.766 1.00 65.87  ? 38  LEU A CA  1 
ATOM   94  C C   . LEU A 1 38  ? 8.451   -27.649 -18.254 1.00 63.47  ? 38  LEU A C   1 
ATOM   95  O O   . LEU A 1 38  ? 7.260   -27.875 -18.048 1.00 64.30  ? 38  LEU A O   1 
ATOM   96  C CB  . LEU A 1 38  ? 8.945   -29.251 -20.151 1.00 65.90  ? 38  LEU A CB  1 
ATOM   97  C CG  . LEU A 1 38  ? 8.619   -28.165 -21.176 1.00 68.32  ? 38  LEU A CG  1 
ATOM   98  C CD1 . LEU A 1 38  ? 9.793   -27.216 -21.358 1.00 70.17  ? 38  LEU A CD1 1 
ATOM   99  C CD2 . LEU A 1 38  ? 8.223   -28.774 -22.515 1.00 68.34  ? 38  LEU A CD2 1 
ATOM   100 N N   . TYR A 1 39  ? 9.030   -26.459 -18.045 1.00 56.51  ? 39  TYR A N   1 
ATOM   101 C CA  . TYR A 1 39  ? 8.287   -25.271 -17.662 1.00 51.22  ? 39  TYR A CA  1 
ATOM   102 C C   . TYR A 1 39  ? 8.257   -24.298 -18.837 1.00 47.35  ? 39  TYR A C   1 
ATOM   103 O O   . TYR A 1 39  ? 9.308   -23.913 -19.343 1.00 50.00  ? 39  TYR A O   1 
ATOM   104 C CB  . TYR A 1 39  ? 8.943   -24.603 -16.454 1.00 51.94  ? 39  TYR A CB  1 
ATOM   105 C CG  . TYR A 1 39  ? 8.845   -25.361 -15.155 1.00 53.00  ? 39  TYR A CG  1 
ATOM   106 C CD1 . TYR A 1 39  ? 7.735   -25.236 -14.336 1.00 55.45  ? 39  TYR A CD1 1 
ATOM   107 C CD2 . TYR A 1 39  ? 9.866   -26.200 -14.737 1.00 55.43  ? 39  TYR A CD2 1 
ATOM   108 C CE1 . TYR A 1 39  ? 7.644   -25.917 -13.132 1.00 56.41  ? 39  TYR A CE1 1 
ATOM   109 C CE2 . TYR A 1 39  ? 9.790   -26.893 -13.540 1.00 56.85  ? 39  TYR A CE2 1 
ATOM   110 C CZ  . TYR A 1 39  ? 8.673   -26.753 -12.734 1.00 59.09  ? 39  TYR A CZ  1 
ATOM   111 O OH  . TYR A 1 39  ? 8.586   -27.435 -11.542 1.00 60.68  ? 39  TYR A OH  1 
ATOM   112 N N   . VAL A 1 40  ? 7.051   -23.909 -19.263 1.00 44.94  ? 40  VAL A N   1 
ATOM   113 C CA  . VAL A 1 40  ? 6.879   -22.937 -20.329 1.00 44.16  ? 40  VAL A CA  1 
ATOM   114 C C   . VAL A 1 40  ? 5.903   -21.865 -19.842 1.00 45.77  ? 40  VAL A C   1 
ATOM   115 O O   . VAL A 1 40  ? 4.725   -22.149 -19.634 1.00 46.59  ? 40  VAL A O   1 
ATOM   116 C CB  . VAL A 1 40  ? 6.379   -23.602 -21.626 1.00 45.73  ? 40  VAL A CB  1 
ATOM   117 C CG1 . VAL A 1 40  ? 6.241   -22.594 -22.757 1.00 45.83  ? 40  VAL A CG1 1 
ATOM   118 C CG2 . VAL A 1 40  ? 7.268   -24.763 -22.049 1.00 46.63  ? 40  VAL A CG2 1 
ATOM   119 N N   . GLY A 1 41  ? 6.406   -20.638 -19.650 1.00 42.87  ? 41  GLY A N   1 
ATOM   120 C CA  . GLY A 1 41  ? 5.586   -19.534 -19.176 1.00 40.67  ? 41  GLY A CA  1 
ATOM   121 C C   . GLY A 1 41  ? 4.960   -19.825 -17.814 1.00 38.57  ? 41  GLY A C   1 
ATOM   122 O O   . GLY A 1 41  ? 3.821   -19.443 -17.563 1.00 39.12  ? 41  GLY A O   1 
ATOM   123 N N   . SER A 1 42  ? 5.722   -20.494 -16.940 1.00 36.09  ? 42  SER A N   1 
ATOM   124 C CA  . SER A 1 42  ? 5.195   -20.999 -15.684 1.00 37.13  ? 42  SER A CA  1 
ATOM   125 C C   . SER A 1 42  ? 6.025   -20.479 -14.517 1.00 36.52  ? 42  SER A C   1 
ATOM   126 O O   . SER A 1 42  ? 7.103   -19.931 -14.720 1.00 37.70  ? 42  SER A O   1 
ATOM   127 C CB  . SER A 1 42  ? 5.145   -22.509 -15.705 1.00 38.00  ? 42  SER A CB  1 
ATOM   128 O OG  . SER A 1 42  ? 4.268   -22.959 -16.728 1.00 36.18  ? 42  SER A OG  1 
ATOM   129 N N   . LYS A 1 43  ? 5.511   -20.673 -13.296 1.00 36.84  ? 43  LYS A N   1 
ATOM   130 C CA  . LYS A 1 43  ? 6.138   -20.149 -12.092 1.00 39.76  ? 43  LYS A CA  1 
ATOM   131 C C   . LYS A 1 43  ? 6.430   -18.660 -12.289 1.00 37.91  ? 43  LYS A C   1 
ATOM   132 O O   . LYS A 1 43  ? 7.553   -18.208 -12.105 1.00 38.36  ? 43  LYS A O   1 
ATOM   133 C CB  . LYS A 1 43  ? 7.406   -20.935 -11.749 1.00 42.55  ? 43  LYS A CB  1 
ATOM   134 C CG  . LYS A 1 43  ? 7.172   -22.343 -11.224 1.00 47.94  ? 43  LYS A CG  1 
ATOM   135 C CD  . LYS A 1 43  ? 8.420   -22.964 -10.632 1.00 51.21  ? 43  LYS A CD  1 
ATOM   136 C CE  . LYS A 1 43  ? 8.146   -24.241 -9.868  1.00 55.94  ? 43  LYS A CE  1 
ATOM   137 N NZ  . LYS A 1 43  ? 9.394   -24.823 -9.317  1.00 58.19  ? 43  LYS A NZ  1 
ATOM   138 N N   . THR A 1 44  ? 5.390   -17.912 -12.662 1.00 38.94  ? 44  THR A N   1 
ATOM   139 C CA  . THR A 1 44  ? 5.518   -16.513 -13.032 1.00 40.11  ? 44  THR A CA  1 
ATOM   140 C C   . THR A 1 44  ? 4.891   -15.641 -11.943 1.00 38.48  ? 44  THR A C   1 
ATOM   141 O O   . THR A 1 44  ? 3.938   -16.057 -11.283 1.00 38.71  ? 44  THR A O   1 
ATOM   142 C CB  . THR A 1 44  ? 4.894   -16.293 -14.414 1.00 42.02  ? 44  THR A CB  1 
ATOM   143 O OG1 . THR A 1 44  ? 5.548   -17.152 -15.349 1.00 44.00  ? 44  THR A OG1 1 
ATOM   144 C CG2 . THR A 1 44  ? 5.018   -14.868 -14.896 1.00 47.98  ? 44  THR A CG2 1 
ATOM   145 N N   . LYS A 1 45  ? 5.457   -14.445 -11.739 1.00 35.43  ? 45  LYS A N   1 
ATOM   146 C CA  . LYS A 1 45  ? 4.887   -13.447 -10.846 1.00 33.21  ? 45  LYS A CA  1 
ATOM   147 C C   . LYS A 1 45  ? 4.755   -12.131 -11.600 1.00 31.65  ? 45  LYS A C   1 
ATOM   148 O O   . LYS A 1 45  ? 5.760   -11.537 -11.982 1.00 31.40  ? 45  LYS A O   1 
ATOM   149 C CB  . LYS A 1 45  ? 5.748   -13.259 -9.597  1.00 34.31  ? 45  LYS A CB  1 
ATOM   150 C CG  . LYS A 1 45  ? 5.857   -14.483 -8.708  1.00 36.69  ? 45  LYS A CG  1 
ATOM   151 C CD  . LYS A 1 45  ? 6.614   -14.229 -7.430  1.00 40.07  ? 45  LYS A CD  1 
ATOM   152 C CE  . LYS A 1 45  ? 6.782   -15.487 -6.608  1.00 43.53  ? 45  LYS A CE  1 
ATOM   153 N NZ  . LYS A 1 45  ? 7.501   -15.219 -5.341  1.00 47.25  ? 45  LYS A NZ  1 
ATOM   154 N N   . GLU A 1 46  ? 3.508   -11.714 -11.838 1.00 29.32  ? 46  GLU A N   1 
ATOM   155 C CA  . GLU A 1 46  ? 3.205   -10.514 -12.598 1.00 29.29  ? 46  GLU A CA  1 
ATOM   156 C C   . GLU A 1 46  ? 2.254   -9.647  -11.774 1.00 27.72  ? 46  GLU A C   1 
ATOM   157 O O   . GLU A 1 46  ? 1.101   -10.014 -11.579 1.00 26.48  ? 46  GLU A O   1 
ATOM   158 C CB  . GLU A 1 46  ? 2.569   -10.882 -13.940 1.00 31.98  ? 46  GLU A CB  1 
ATOM   159 C CG  . GLU A 1 46  ? 3.457   -11.759 -14.808 1.00 35.91  ? 46  GLU A CG  1 
ATOM   160 C CD  . GLU A 1 46  ? 2.818   -12.289 -16.083 1.00 41.47  ? 46  GLU A CD  1 
ATOM   161 O OE1 . GLU A 1 46  ? 1.693   -11.860 -16.408 1.00 43.92  ? 46  GLU A OE1 1 
ATOM   162 O OE2 . GLU A 1 46  ? 3.445   -13.140 -16.751 1.00 45.42  ? 46  GLU A OE2 1 
ATOM   163 N N   . GLY A 1 47  ? 2.739   -8.495  -11.295 1.00 25.14  ? 47  GLY A N   1 
ATOM   164 C CA  . GLY A 1 47  ? 1.912   -7.620  -10.475 1.00 23.46  ? 47  GLY A CA  1 
ATOM   165 C C   . GLY A 1 47  ? 1.640   -8.263  -9.124  1.00 20.49  ? 47  GLY A C   1 
ATOM   166 O O   . GLY A 1 47  ? 0.513   -8.633  -8.825  1.00 21.12  ? 47  GLY A O   1 
ATOM   167 N N   . VAL A 1 48  ? 2.700   -8.430  -8.338  1.00 20.24  ? 48  VAL A N   1 
ATOM   168 C CA  . VAL A 1 48  ? 2.626   -9.139  -7.080  1.00 20.53  ? 48  VAL A CA  1 
ATOM   169 C C   . VAL A 1 48  ? 3.289   -8.297  -5.997  1.00 20.49  ? 48  VAL A C   1 
ATOM   170 O O   . VAL A 1 48  ? 4.404   -7.821  -6.185  1.00 20.94  ? 48  VAL A O   1 
ATOM   171 C CB  . VAL A 1 48  ? 3.296   -10.522 -7.186  1.00 21.08  ? 48  VAL A CB  1 
ATOM   172 C CG1 . VAL A 1 48  ? 3.360   -11.217 -5.837  1.00 21.72  ? 48  VAL A CG1 1 
ATOM   173 C CG2 . VAL A 1 48  ? 2.625   -11.400 -8.234  1.00 21.21  ? 48  VAL A CG2 1 
ATOM   174 N N   . VAL A 1 49  ? 2.591   -8.128  -4.868  1.00 20.14  ? 49  VAL A N   1 
ATOM   175 C CA  . VAL A 1 49  ? 3.178   -7.590  -3.655  1.00 20.51  ? 49  VAL A CA  1 
ATOM   176 C C   . VAL A 1 49  ? 3.298   -8.747  -2.673  1.00 21.94  ? 49  VAL A C   1 
ATOM   177 O O   . VAL A 1 49  ? 2.323   -9.452  -2.437  1.00 22.48  ? 49  VAL A O   1 
ATOM   178 C CB  . VAL A 1 49  ? 2.343   -6.446  -3.043  1.00 19.77  ? 49  VAL A CB  1 
ATOM   179 C CG1 . VAL A 1 49  ? 2.938   -5.970  -1.730  1.00 19.87  ? 49  VAL A CG1 1 
ATOM   180 C CG2 . VAL A 1 49  ? 2.159   -5.279  -3.999  1.00 19.39  ? 49  VAL A CG2 1 
ATOM   181 N N   . HIS A 1 50  ? 4.488   -8.934  -2.105  1.00 25.36  ? 50  HIS A N   1 
ATOM   182 C CA  . HIS A 1 50  ? 4.746   -10.081 -1.253  1.00 28.97  ? 50  HIS A CA  1 
ATOM   183 C C   . HIS A 1 50  ? 5.622   -9.667  -0.075  1.00 27.97  ? 50  HIS A C   1 
ATOM   184 O O   . HIS A 1 50  ? 6.716   -9.152  -0.269  1.00 30.12  ? 50  HIS A O   1 
ATOM   185 C CB  . HIS A 1 50  ? 5.391   -11.195 -2.087  1.00 34.97  ? 50  HIS A CB  1 
ATOM   186 C CG  . HIS A 1 50  ? 5.813   -12.407 -1.315  1.00 42.17  ? 50  HIS A CG  1 
ATOM   187 N ND1 . HIS A 1 50  ? 7.005   -13.061 -1.513  1.00 48.45  ? 50  HIS A ND1 1 
ATOM   188 C CD2 . HIS A 1 50  ? 5.138   -13.099 -0.352  1.00 48.33  ? 50  HIS A CD2 1 
ATOM   189 C CE1 . HIS A 1 50  ? 7.073   -14.107 -0.689  1.00 51.48  ? 50  HIS A CE1 1 
ATOM   190 N NE2 . HIS A 1 50  ? 5.922   -14.150 0.041   1.00 50.39  ? 50  HIS A NE2 1 
ATOM   191 N N   . GLY A 1 51  ? 5.139   -9.901  1.147   1.00 26.71  ? 51  GLY A N   1 
ATOM   192 C CA  . GLY A 1 51  ? 5.942   -9.700  2.337   1.00 28.00  ? 51  GLY A CA  1 
ATOM   193 C C   . GLY A 1 51  ? 6.083   -8.222  2.690   1.00 30.10  ? 51  GLY A C   1 
ATOM   194 O O   . GLY A 1 51  ? 7.118   -7.616  2.428   1.00 30.77  ? 51  GLY A O   1 
ATOM   195 N N   . VAL A 1 52  ? 5.013   -7.657  3.262   1.00 29.40  ? 52  VAL A N   1 
ATOM   196 C CA  . VAL A 1 52  ? 5.024   -6.303  3.787   1.00 29.52  ? 52  VAL A CA  1 
ATOM   197 C C   . VAL A 1 52  ? 4.751   -6.393  5.284   1.00 29.86  ? 52  VAL A C   1 
ATOM   198 O O   . VAL A 1 52  ? 3.638   -6.724  5.684   1.00 32.35  ? 52  VAL A O   1 
ATOM   199 C CB  . VAL A 1 52  ? 3.989   -5.409  3.078   1.00 29.50  ? 52  VAL A CB  1 
ATOM   200 C CG1 . VAL A 1 52  ? 3.965   -3.995  3.654   1.00 29.27  ? 52  VAL A CG1 1 
ATOM   201 C CG2 . VAL A 1 52  ? 4.209   -5.376  1.579   1.00 29.20  ? 52  VAL A CG2 1 
ATOM   202 N N   . ALA A 1 53  ? 5.781   -6.129  6.092   1.00 30.15  ? 53  ALA A N   1 
ATOM   203 C CA  . ALA A 1 53  ? 5.691   -6.208  7.540   1.00 30.35  ? 53  ALA A CA  1 
ATOM   204 C C   . ALA A 1 53  ? 5.842   -4.806  8.121   1.00 31.42  ? 53  ALA A C   1 
ATOM   205 O O   . ALA A 1 53  ? 6.786   -4.095  7.780   1.00 32.69  ? 53  ALA A O   1 
ATOM   206 C CB  . ALA A 1 53  ? 6.758   -7.133  8.073   1.00 30.55  ? 53  ALA A CB  1 
ATOM   207 N N   . THR A 1 54  ? 4.923   -4.414  9.006   1.00 31.44  ? 54  THR A N   1 
ATOM   208 C CA  . THR A 1 54  ? 4.902   -3.057  9.528   1.00 32.00  ? 54  THR A CA  1 
ATOM   209 C C   . THR A 1 54  ? 4.589   -3.094  11.021  1.00 31.09  ? 54  THR A C   1 
ATOM   210 O O   . THR A 1 54  ? 3.674   -3.795  11.444  1.00 32.15  ? 54  THR A O   1 
ATOM   211 C CB  . THR A 1 54  ? 3.883   -2.201  8.764   1.00 33.67  ? 54  THR A CB  1 
ATOM   212 O OG1 . THR A 1 54  ? 4.130   -2.318  7.363   1.00 33.89  ? 54  THR A OG1 1 
ATOM   213 C CG2 . THR A 1 54  ? 3.919   -0.740  9.160   1.00 35.29  ? 54  THR A CG2 1 
ATOM   214 N N   . VAL A 1 55  ? 5.355   -2.348  11.817  1.00 30.23  ? 55  VAL A N   1 
ATOM   215 C CA  . VAL A 1 55  ? 5.094   -2.263  13.242  1.00 31.51  ? 55  VAL A CA  1 
ATOM   216 C C   . VAL A 1 55  ? 5.011   -0.798  13.659  1.00 33.11  ? 55  VAL A C   1 
ATOM   217 O O   . VAL A 1 55  ? 5.851   0.011   13.272  1.00 33.24  ? 55  VAL A O   1 
ATOM   218 C CB  . VAL A 1 55  ? 6.152   -2.996  14.082  1.00 33.98  ? 55  VAL A CB  1 
ATOM   219 C CG1 . VAL A 1 55  ? 5.837   -2.847  15.558  1.00 35.96  ? 55  VAL A CG1 1 
ATOM   220 C CG2 . VAL A 1 55  ? 6.276   -4.465  13.709  1.00 34.67  ? 55  VAL A CG2 1 
ATOM   221 N N   . ALA A 1 56  ? 3.986   -0.484  14.459  1.00 32.98  ? 56  ALA A N   1 
ATOM   222 C CA  . ALA A 1 56  ? 3.847   0.817   15.096  1.00 33.12  ? 56  ALA A CA  1 
ATOM   223 C C   . ALA A 1 56  ? 3.674   0.599   16.593  1.00 32.92  ? 56  ALA A C   1 
ATOM   224 O O   . ALA A 1 56  ? 2.727   -0.066  17.004  1.00 34.85  ? 56  ALA A O   1 
ATOM   225 C CB  . ALA A 1 56  ? 2.677   1.558   14.505  1.00 32.17  ? 56  ALA A CB  1 
ATOM   226 N N   . GLU A 1 57  ? 4.609   1.118   17.392  1.00 34.94  ? 57  GLU A N   1 
ATOM   227 C CA  . GLU A 1 57  ? 4.563   0.950   18.835  1.00 38.42  ? 57  GLU A CA  1 
ATOM   228 C C   . GLU A 1 57  ? 4.697   2.309   19.518  1.00 37.92  ? 57  GLU A C   1 
ATOM   229 O O   . GLU A 1 57  ? 5.670   3.022   19.290  1.00 37.99  ? 57  GLU A O   1 
ATOM   230 C CB  . GLU A 1 57  ? 5.658   0.000   19.328  1.00 41.90  ? 57  GLU A CB  1 
ATOM   231 C CG  . GLU A 1 57  ? 5.789   0.006   20.844  1.00 47.51  ? 57  GLU A CG  1 
ATOM   232 C CD  . GLU A 1 57  ? 6.502   -1.163  21.502  1.00 54.12  ? 57  GLU A CD  1 
ATOM   233 O OE1 . GLU A 1 57  ? 6.740   -2.177  20.829  1.00 56.43  ? 57  GLU A OE1 1 
ATOM   234 O OE2 . GLU A 1 57  ? 6.815   -1.053  22.709  1.00 60.40  ? 57  GLU A OE2 1 
ATOM   235 N N   . LYS A 1 58  ? 3.709   2.635   20.365  1.00 37.34  ? 58  LYS A N   1 
ATOM   236 C CA  . LYS A 1 58  ? 3.723   3.823   21.207  1.00 37.34  ? 58  LYS A CA  1 
ATOM   237 C C   . LYS A 1 58  ? 3.819   5.092   20.364  1.00 34.44  ? 58  LYS A C   1 
ATOM   238 O O   . LYS A 1 58  ? 4.422   6.073   20.785  1.00 36.32  ? 58  LYS A O   1 
ATOM   239 C CB  . LYS A 1 58  ? 4.860   3.752   22.230  1.00 38.75  ? 58  LYS A CB  1 
ATOM   240 C CG  . LYS A 1 58  ? 4.735   2.626   23.245  1.00 43.16  ? 58  LYS A CG  1 
ATOM   241 C CD  . LYS A 1 58  ? 5.851   2.609   24.265  1.00 46.32  ? 58  LYS A CD  1 
ATOM   242 C CE  . LYS A 1 58  ? 5.710   1.487   25.270  1.00 50.54  ? 58  LYS A CE  1 
ATOM   243 N NZ  . LYS A 1 58  ? 6.847   1.459   26.222  1.00 53.89  ? 58  LYS A NZ  1 
ATOM   244 N N   . THR A 1 59  ? 3.191   5.077   19.188  1.00 34.04  ? 59  THR A N   1 
ATOM   245 C CA  . THR A 1 59  ? 3.171   6.235   18.313  1.00 34.63  ? 59  THR A CA  1 
ATOM   246 C C   . THR A 1 59  ? 1.994   7.130   18.692  1.00 33.10  ? 59  THR A C   1 
ATOM   247 O O   . THR A 1 59  ? 1.024   6.663   19.280  1.00 31.39  ? 59  THR A O   1 
ATOM   248 C CB  . THR A 1 59  ? 3.074   5.813   16.838  1.00 36.05  ? 59  THR A CB  1 
ATOM   249 O OG1 . THR A 1 59  ? 1.816   5.167   16.636  1.00 37.65  ? 59  THR A OG1 1 
ATOM   250 C CG2 . THR A 1 59  ? 4.193   4.888   16.411  1.00 36.49  ? 59  THR A CG2 1 
ATOM   251 N N   . LYS A 1 60  ? 2.081   8.411   18.314  1.00 34.60  ? 60  LYS A N   1 
ATOM   252 C CA  . LYS A 1 60  ? 1.006   9.369   18.516  1.00 36.47  ? 60  LYS A CA  1 
ATOM   253 C C   . LYS A 1 60  ? 0.795   10.158  17.230  1.00 36.40  ? 60  LYS A C   1 
ATOM   254 O O   . LYS A 1 60  ? 1.734   10.754  16.710  1.00 37.37  ? 60  LYS A O   1 
ATOM   255 C CB  . LYS A 1 60  ? 1.337   10.347  19.645  1.00 39.34  ? 60  LYS A CB  1 
ATOM   256 C CG  . LYS A 1 60  ? 1.593   9.713   21.003  1.00 42.93  ? 60  LYS A CG  1 
ATOM   257 C CD  . LYS A 1 60  ? 1.938   10.728  22.074  1.00 46.49  ? 60  LYS A CD  1 
ATOM   258 C CE  . LYS A 1 60  ? 2.216   10.084  23.416  1.00 51.06  ? 60  LYS A CE  1 
ATOM   259 N NZ  . LYS A 1 60  ? 2.577   11.092  24.442  1.00 54.69  ? 60  LYS A NZ  1 
ATOM   260 N N   . GLU A 1 61  ? -0.443  10.160  16.733  1.00 35.49  ? 61  GLU A N   1 
ATOM   261 C CA  . GLU A 1 61  ? -0.787  10.879  15.522  1.00 37.68  ? 61  GLU A CA  1 
ATOM   262 C C   . GLU A 1 61  ? -1.987  11.779  15.801  1.00 34.87  ? 61  GLU A C   1 
ATOM   263 O O   . GLU A 1 61  ? -2.939  11.360  16.451  1.00 33.41  ? 61  GLU A O   1 
ATOM   264 C CB  . GLU A 1 61  ? -1.115  9.907   14.386  1.00 42.60  ? 61  GLU A CB  1 
ATOM   265 C CG  . GLU A 1 61  ? 0.091   9.151   13.863  1.00 50.41  ? 61  GLU A CG  1 
ATOM   266 C CD  . GLU A 1 61  ? -0.178  8.251   12.665  1.00 56.52  ? 61  GLU A CD  1 
ATOM   267 O OE1 . GLU A 1 61  ? -1.366  8.032   12.334  1.00 59.56  ? 61  GLU A OE1 1 
ATOM   268 O OE2 . GLU A 1 61  ? 0.805   7.784   12.051  1.00 61.60  ? 61  GLU A OE2 1 
ATOM   269 N N   . GLN A 1 62  ? -1.916  13.016  15.305  1.00 33.93  ? 62  GLN A N   1 
ATOM   270 C CA  . GLN A 1 62  ? -3.055  13.915  15.271  1.00 33.99  ? 62  GLN A CA  1 
ATOM   271 C C   . GLN A 1 62  ? -3.236  14.378  13.834  1.00 32.53  ? 62  GLN A C   1 
ATOM   272 O O   . GLN A 1 62  ? -2.312  14.940  13.252  1.00 34.39  ? 62  GLN A O   1 
ATOM   273 C CB  . GLN A 1 62  ? -2.839  15.130  16.173  1.00 36.63  ? 62  GLN A CB  1 
ATOM   274 C CG  . GLN A 1 62  ? -2.811  14.809  17.658  1.00 40.06  ? 62  GLN A CG  1 
ATOM   275 C CD  . GLN A 1 62  ? -2.552  16.039  18.498  1.00 44.51  ? 62  GLN A CD  1 
ATOM   276 O OE1 . GLN A 1 62  ? -1.948  17.010  18.042  1.00 48.38  ? 62  GLN A OE1 1 
ATOM   277 N NE2 . GLN A 1 62  ? -2.994  16.002  19.744  1.00 43.86  ? 62  GLN A NE2 1 
ATOM   278 N N   . VAL A 1 63  ? -4.416  14.127  13.270  1.00 29.85  ? 63  VAL A N   1 
ATOM   279 C CA  . VAL A 1 63  ? -4.711  14.529  11.910  1.00 29.63  ? 63  VAL A CA  1 
ATOM   280 C C   . VAL A 1 63  ? -5.922  15.448  11.933  1.00 28.96  ? 63  VAL A C   1 
ATOM   281 O O   . VAL A 1 63  ? -6.966  15.080  12.459  1.00 30.11  ? 63  VAL A O   1 
ATOM   282 C CB  . VAL A 1 63  ? -4.954  13.313  10.998  1.00 29.96  ? 63  VAL A CB  1 
ATOM   283 C CG1 . VAL A 1 63  ? -5.415  13.737  9.612   1.00 29.27  ? 63  VAL A CG1 1 
ATOM   284 C CG2 . VAL A 1 63  ? -3.721  12.426  10.914  1.00 31.02  ? 63  VAL A CG2 1 
ATOM   285 N N   . THR A 1 64  ? -5.752  16.646  11.374  1.00 29.05  ? 64  THR A N   1 
ATOM   286 C CA  . THR A 1 64  ? -6.855  17.536  11.072  1.00 30.57  ? 64  THR A CA  1 
ATOM   287 C C   . THR A 1 64  ? -6.895  17.694  9.561   1.00 29.58  ? 64  THR A C   1 
ATOM   288 O O   . THR A 1 64  ? -5.918  18.135  8.963   1.00 31.78  ? 64  THR A O   1 
ATOM   289 C CB  . THR A 1 64  ? -6.705  18.888  11.778  1.00 33.46  ? 64  THR A CB  1 
ATOM   290 O OG1 . THR A 1 64  ? -6.576  18.639  13.178  1.00 34.73  ? 64  THR A OG1 1 
ATOM   291 C CG2 . THR A 1 64  ? -7.875  19.811  11.528  1.00 35.61  ? 64  THR A CG2 1 
ATOM   292 N N   . ASN A 1 65  ? -8.006  17.278  8.959   1.00 27.27  ? 65  ASN A N   1 
ATOM   293 C CA  . ASN A 1 65  ? -8.140  17.261  7.517   1.00 26.89  ? 65  ASN A CA  1 
ATOM   294 C C   . ASN A 1 65  ? -9.398  18.032  7.143   1.00 27.77  ? 65  ASN A C   1 
ATOM   295 O O   . ASN A 1 65  ? -10.481 17.714  7.629   1.00 29.09  ? 65  ASN A O   1 
ATOM   296 C CB  . ASN A 1 65  ? -8.171  15.822  7.000   1.00 26.22  ? 65  ASN A CB  1 
ATOM   297 C CG  . ASN A 1 65  ? -8.287  15.732  5.495   1.00 26.53  ? 65  ASN A CG  1 
ATOM   298 O OD1 . ASN A 1 65  ? -9.140  15.020  4.968   1.00 27.68  ? 65  ASN A OD1 1 
ATOM   299 N ND2 . ASN A 1 65  ? -7.411  16.426  4.792   1.00 28.50  ? 65  ASN A ND2 1 
ATOM   300 N N   . VAL A 1 66  ? -9.245  19.038  6.281   1.00 27.96  ? 66  VAL A N   1 
ATOM   301 C CA  . VAL A 1 66  ? -10.375 19.768  5.737   1.00 29.01  ? 66  VAL A CA  1 
ATOM   302 C C   . VAL A 1 66  ? -10.341 19.635  4.220   1.00 28.72  ? 66  VAL A C   1 
ATOM   303 O O   . VAL A 1 66  ? -9.588  20.341  3.558   1.00 31.69  ? 66  VAL A O   1 
ATOM   304 C CB  . VAL A 1 66  ? -10.347 21.252  6.161   1.00 31.03  ? 66  VAL A CB  1 
ATOM   305 C CG1 . VAL A 1 66  ? -11.515 22.029  5.569   1.00 31.99  ? 66  VAL A CG1 1 
ATOM   306 C CG2 . VAL A 1 66  ? -10.310 21.409  7.671   1.00 31.08  ? 66  VAL A CG2 1 
ATOM   307 N N   . GLY A 1 67  ? -11.134 18.705  3.682   1.00 27.77  ? 67  GLY A N   1 
ATOM   308 C CA  . GLY A 1 67  ? -11.407 18.664  2.257   1.00 28.96  ? 67  GLY A CA  1 
ATOM   309 C C   . GLY A 1 67  ? -10.296 18.036  1.413   1.00 28.60  ? 67  GLY A C   1 
ATOM   310 O O   . GLY A 1 67  ? -10.395 18.042  0.189   1.00 34.10  ? 67  GLY A O   1 
ATOM   311 N N   . GLY A 1 68  ? -9.251  17.499  2.045   1.00 27.42  ? 68  GLY A N   1 
ATOM   312 C CA  . GLY A 1 68  ? -8.170  16.845  1.320   1.00 26.60  ? 68  GLY A CA  1 
ATOM   313 C C   . GLY A 1 68  ? -8.089  15.358  1.655   1.00 26.08  ? 68  GLY A C   1 
ATOM   314 O O   . GLY A 1 68  ? -9.053  14.780  2.152   1.00 26.44  ? 68  GLY A O   1 
ATOM   315 N N   . ALA A 1 69  ? -6.926  14.749  1.396   1.00 25.86  ? 69  ALA A N   1 
ATOM   316 C CA  . ALA A 1 69  ? -6.739  13.322  1.604   1.00 25.36  ? 69  ALA A CA  1 
ATOM   317 C C   . ALA A 1 69  ? -5.509  13.094  2.468   1.00 25.21  ? 69  ALA A C   1 
ATOM   318 O O   . ALA A 1 69  ? -4.454  13.667  2.218   1.00 26.62  ? 69  ALA A O   1 
ATOM   319 C CB  . ALA A 1 69  ? -6.617  12.612  0.272   1.00 25.36  ? 69  ALA A CB  1 
ATOM   320 N N   . VAL A 1 70  ? -5.653  12.244  3.479   1.00 24.17  ? 70  VAL A N   1 
ATOM   321 C CA  . VAL A 1 70  ? -4.551  11.901  4.352   1.00 25.16  ? 70  VAL A CA  1 
ATOM   322 C C   . VAL A 1 70  ? -4.528  10.386  4.493   1.00 25.95  ? 70  VAL A C   1 
ATOM   323 O O   . VAL A 1 70  ? -5.546  9.793   4.838   1.00 25.77  ? 70  VAL A O   1 
ATOM   324 C CB  . VAL A 1 70  ? -4.679  12.593  5.722   1.00 25.86  ? 70  VAL A CB  1 
ATOM   325 C CG1 . VAL A 1 70  ? -3.544  12.207  6.653   1.00 26.24  ? 70  VAL A CG1 1 
ATOM   326 C CG2 . VAL A 1 70  ? -4.777  14.107  5.583   1.00 26.03  ? 70  VAL A CG2 1 
ATOM   327 N N   . VAL A 1 71  ? -3.372  9.769   4.215   1.00 25.82  ? 71  VAL A N   1 
ATOM   328 C CA  . VAL A 1 71  ? -3.214  8.332   4.388   1.00 26.04  ? 71  VAL A CA  1 
ATOM   329 C C   . VAL A 1 71  ? -2.015  8.085   5.289   1.00 25.62  ? 71  VAL A C   1 
ATOM   330 O O   . VAL A 1 71  ? -0.928  8.582   5.011   1.00 27.49  ? 71  VAL A O   1 
ATOM   331 C CB  . VAL A 1 71  ? -3.055  7.605   3.037   1.00 25.95  ? 71  VAL A CB  1 
ATOM   332 C CG1 . VAL A 1 71  ? -2.910  6.102   3.229   1.00 26.64  ? 71  VAL A CG1 1 
ATOM   333 C CG2 . VAL A 1 71  ? -4.196  7.922   2.090   1.00 25.97  ? 71  VAL A CG2 1 
ATOM   334 N N   . THR A 1 72  ? -2.221  7.308   6.352   1.00 27.04  ? 72  THR A N   1 
ATOM   335 C CA  . THR A 1 72  ? -1.180  7.038   7.328   1.00 29.29  ? 72  THR A CA  1 
ATOM   336 C C   . THR A 1 72  ? -0.997  5.536   7.538   1.00 29.07  ? 72  THR A C   1 
ATOM   337 O O   . THR A 1 72  ? -0.145  5.131   8.323   1.00 29.59  ? 72  THR A O   1 
ATOM   338 C CB  . THR A 1 72  ? -1.508  7.713   8.670   1.00 33.12  ? 72  THR A CB  1 
ATOM   339 O OG1 . THR A 1 72  ? -2.560  6.982   9.302   1.00 35.60  ? 72  THR A OG1 1 
ATOM   340 C CG2 . THR A 1 72  ? -1.920  9.162   8.515   1.00 34.64  ? 72  THR A CG2 1 
ATOM   341 N N   . GLY A 1 73  ? -1.779  4.713   6.835   1.00 30.45  ? 73  GLY A N   1 
ATOM   342 C CA  . GLY A 1 73  ? -1.786  3.279   7.077   1.00 31.48  ? 73  GLY A CA  1 
ATOM   343 C C   . GLY A 1 73  ? -0.892  2.523   6.094   1.00 31.96  ? 73  GLY A C   1 
ATOM   344 O O   . GLY A 1 73  ? 0.069   3.073   5.558   1.00 33.52  ? 73  GLY A O   1 
ATOM   345 N N   . VAL A 1 74  ? -1.224  1.249   5.876   1.00 30.60  ? 74  VAL A N   1 
ATOM   346 C CA  . VAL A 1 74  ? -0.486  0.386   4.972   1.00 29.70  ? 74  VAL A CA  1 
ATOM   347 C C   . VAL A 1 74  ? -1.370  0.119   3.766   1.00 28.16  ? 74  VAL A C   1 
ATOM   348 O O   . VAL A 1 74  ? -2.509  -0.310  3.927   1.00 29.77  ? 74  VAL A O   1 
ATOM   349 C CB  . VAL A 1 74  ? -0.077  -0.931  5.658   1.00 30.10  ? 74  VAL A CB  1 
ATOM   350 C CG1 . VAL A 1 74  ? 0.606   -1.884  4.686   1.00 30.97  ? 74  VAL A CG1 1 
ATOM   351 C CG2 . VAL A 1 74  ? 0.797   -0.680  6.870   1.00 30.59  ? 74  VAL A CG2 1 
ATOM   352 N N   . THR A 1 75  ? -0.835  0.371   2.573   1.00 26.71  ? 75  THR A N   1 
ATOM   353 C CA  . THR A 1 75  ? -1.555  0.151   1.335   1.00 28.06  ? 75  THR A CA  1 
ATOM   354 C C   . THR A 1 75  ? -0.723  -0.762  0.437   1.00 27.03  ? 75  THR A C   1 
ATOM   355 O O   . THR A 1 75  ? 0.418   -0.447  0.105   1.00 26.21  ? 75  THR A O   1 
ATOM   356 C CB  . THR A 1 75  ? -1.875  1.488   0.651   1.00 30.79  ? 75  THR A CB  1 
ATOM   357 O OG1 . THR A 1 75  ? -2.464  2.377   1.605   1.00 32.87  ? 75  THR A OG1 1 
ATOM   358 C CG2 . THR A 1 75  ? -2.800  1.343   -0.534  1.00 30.94  ? 75  THR A CG2 1 
ATOM   359 N N   . ALA A 1 76  ? -1.306  -1.899  0.048   1.00 25.21  ? 76  ALA A N   1 
ATOM   360 C CA  . ALA A 1 76  ? -0.657  -2.835  -0.855  1.00 23.52  ? 76  ALA A CA  1 
ATOM   361 C C   . ALA A 1 76  ? -1.569  -3.057  -2.050  1.00 22.96  ? 76  ALA A C   1 
ATOM   362 O O   . ALA A 1 76  ? -2.684  -3.547  -1.887  1.00 24.21  ? 76  ALA A O   1 
ATOM   363 C CB  . ALA A 1 76  ? -0.366  -4.123  -0.129  1.00 23.34  ? 76  ALA A CB  1 
ATOM   364 N N   . VAL A 1 77  ? -1.106  -2.667  -3.234  1.00 20.65  ? 77  VAL A N   1 
ATOM   365 C CA  . VAL A 1 77  ? -1.884  -2.815  -4.445  1.00 22.12  ? 77  VAL A CA  1 
ATOM   366 C C   . VAL A 1 77  ? -1.077  -3.660  -5.433  1.00 22.15  ? 77  VAL A C   1 
ATOM   367 O O   . VAL A 1 77  ? 0.074   -3.339  -5.718  1.00 22.12  ? 77  VAL A O   1 
ATOM   368 C CB  . VAL A 1 77  ? -2.250  -1.444  -5.051  1.00 22.01  ? 77  VAL A CB  1 
ATOM   369 C CG1 . VAL A 1 77  ? -2.986  -1.596  -6.360  1.00 22.07  ? 77  VAL A CG1 1 
ATOM   370 C CG2 . VAL A 1 77  ? -3.051  -0.572  -4.090  1.00 23.44  ? 77  VAL A CG2 1 
ATOM   371 N N   . ALA A 1 78  ? -1.706  -4.716  -5.971  1.00 22.50  ? 78  ALA A N   1 
ATOM   372 C CA  . ALA A 1 78  ? -1.077  -5.586  -6.958  1.00 22.21  ? 78  ALA A CA  1 
ATOM   373 C C   . ALA A 1 78  ? -2.021  -5.763  -8.135  1.00 22.47  ? 78  ALA A C   1 
ATOM   374 O O   . ALA A 1 78  ? -3.110  -6.307  -7.973  1.00 24.48  ? 78  ALA A O   1 
ATOM   375 C CB  . ALA A 1 78  ? -0.705  -6.911  -6.331  1.00 21.90  ? 78  ALA A CB  1 
ATOM   376 N N   . GLN A 1 79  ? -1.604  -5.279  -9.308  1.00 22.65  ? 79  GLN A N   1 
ATOM   377 C CA  . GLN A 1 79  ? -2.435  -5.294  -10.493 1.00 24.45  ? 79  GLN A CA  1 
ATOM   378 C C   . GLN A 1 79  ? -1.641  -5.886  -11.654 1.00 25.49  ? 79  GLN A C   1 
ATOM   379 O O   . GLN A 1 79  ? -0.475  -5.552  -11.837 1.00 26.60  ? 79  GLN A O   1 
ATOM   380 C CB  . GLN A 1 79  ? -2.903  -3.876  -10.840 1.00 25.08  ? 79  GLN A CB  1 
ATOM   381 C CG  . GLN A 1 79  ? -3.613  -3.166  -9.691  1.00 26.16  ? 79  GLN A CG  1 
ATOM   382 C CD  . GLN A 1 79  ? -3.816  -1.687  -9.931  1.00 27.51  ? 79  GLN A CD  1 
ATOM   383 O OE1 . GLN A 1 79  ? -4.906  -1.143  -9.734  1.00 25.92  ? 79  GLN A OE1 1 
ATOM   384 N NE2 . GLN A 1 79  ? -2.749  -1.012  -10.327 1.00 24.81  ? 79  GLN A NE2 1 
ATOM   385 N N   . LYS A 1 80  ? -2.271  -6.752  -12.454 1.00 26.65  ? 80  LYS A N   1 
ATOM   386 C CA  . LYS A 1 80  ? -1.616  -7.248  -13.653 1.00 28.27  ? 80  LYS A CA  1 
ATOM   387 C C   . LYS A 1 80  ? -1.763  -6.213  -14.762 1.00 29.16  ? 80  LYS A C   1 
ATOM   388 O O   . LYS A 1 80  ? -0.767  -5.781  -15.335 1.00 30.83  ? 80  LYS A O   1 
ATOM   389 C CB  . LYS A 1 80  ? -2.160  -8.606  -14.102 1.00 29.65  ? 80  LYS A CB  1 
ATOM   390 C CG  . LYS A 1 80  ? -1.370  -9.237  -15.243 1.00 31.57  ? 80  LYS A CG  1 
ATOM   391 C CD  . LYS A 1 80  ? -2.130  -10.276 -16.029 1.00 33.17  ? 80  LYS A CD  1 
ATOM   392 C CE  . LYS A 1 80  ? -1.301  -10.869 -17.148 1.00 35.61  ? 80  LYS A CE  1 
ATOM   393 N NZ  . LYS A 1 80  ? -2.060  -11.883 -17.922 1.00 36.80  ? 80  LYS A NZ  1 
ATOM   394 N N   . THR A 1 81  ? -3.002  -5.811  -15.058 1.00 29.15  ? 81  THR A N   1 
ATOM   395 C CA  . THR A 1 81  ? -3.272  -4.967  -16.208 1.00 32.15  ? 81  THR A CA  1 
ATOM   396 C C   . THR A 1 81  ? -4.322  -3.915  -15.865 1.00 31.77  ? 81  THR A C   1 
ATOM   397 O O   . THR A 1 81  ? -5.392  -4.253  -15.369 1.00 31.37  ? 81  THR A O   1 
ATOM   398 C CB  . THR A 1 81  ? -3.763  -5.800  -17.400 1.00 35.89  ? 81  THR A CB  1 
ATOM   399 O OG1 . THR A 1 81  ? -2.766  -6.767  -17.734 1.00 40.28  ? 81  THR A OG1 1 
ATOM   400 C CG2 . THR A 1 81  ? -4.071  -4.961  -18.619 1.00 37.06  ? 81  THR A CG2 1 
ATOM   401 N N   . VAL A 1 82  ? -4.007  -2.647  -16.153 1.00 31.94  ? 82  VAL A N   1 
ATOM   402 C CA  . VAL A 1 82  ? -4.985  -1.571  -16.112 1.00 32.47  ? 82  VAL A CA  1 
ATOM   403 C C   . VAL A 1 82  ? -4.923  -0.838  -17.444 1.00 33.47  ? 82  VAL A C   1 
ATOM   404 O O   . VAL A 1 82  ? -3.857  -0.382  -17.843 1.00 33.61  ? 82  VAL A O   1 
ATOM   405 C CB  . VAL A 1 82  ? -4.740  -0.607  -14.934 1.00 32.81  ? 82  VAL A CB  1 
ATOM   406 C CG1 . VAL A 1 82  ? -5.711  0.565   -14.960 1.00 32.69  ? 82  VAL A CG1 1 
ATOM   407 C CG2 . VAL A 1 82  ? -4.794  -1.329  -13.600 1.00 32.86  ? 82  VAL A CG2 1 
ATOM   408 N N   . GLU A 1 83  ? -6.070  -0.733  -18.120 1.00 36.67  ? 83  GLU A N   1 
ATOM   409 C CA  . GLU A 1 83  ? -6.126  -0.168  -19.457 1.00 40.13  ? 83  GLU A CA  1 
ATOM   410 C C   . GLU A 1 83  ? -7.249  0.856   -19.531 1.00 39.52  ? 83  GLU A C   1 
ATOM   411 O O   . GLU A 1 83  ? -8.348  0.612   -19.037 1.00 41.00  ? 83  GLU A O   1 
ATOM   412 C CB  . GLU A 1 83  ? -6.380  -1.249  -20.508 1.00 46.24  ? 83  GLU A CB  1 
ATOM   413 C CG  . GLU A 1 83  ? -5.294  -2.302  -20.574 1.00 53.71  ? 83  GLU A CG  1 
ATOM   414 C CD  . GLU A 1 83  ? -5.505  -3.366  -21.640 1.00 61.12  ? 83  GLU A CD  1 
ATOM   415 O OE1 . GLU A 1 83  ? -6.521  -3.285  -22.368 1.00 63.90  ? 83  GLU A OE1 1 
ATOM   416 O OE2 . GLU A 1 83  ? -4.652  -4.276  -21.743 1.00 65.53  ? 83  GLU A OE2 1 
ATOM   417 N N   . GLY A 1 84  ? -6.957  1.989   -20.171 1.00 36.34  ? 84  GLY A N   1 
ATOM   418 C CA  . GLY A 1 84  ? -7.962  2.993   -20.471 1.00 36.65  ? 84  GLY A CA  1 
ATOM   419 C C   . GLY A 1 84  ? -7.350  4.386   -20.464 1.00 35.34  ? 84  GLY A C   1 
ATOM   420 O O   . GLY A 1 84  ? -6.539  4.703   -19.598 1.00 34.66  ? 84  GLY A O   1 
ATOM   421 N N   . ALA A 1 85  ? -7.762  5.210   -21.432 1.00 36.43  ? 85  ALA A N   1 
ATOM   422 C CA  . ALA A 1 85  ? -7.326  6.591   -21.498 1.00 36.17  ? 85  ALA A CA  1 
ATOM   423 C C   . ALA A 1 85  ? -7.825  7.328   -20.262 1.00 37.19  ? 85  ALA A C   1 
ATOM   424 O O   . ALA A 1 85  ? -8.959  7.127   -19.833 1.00 40.28  ? 85  ALA A O   1 
ATOM   425 C CB  . ALA A 1 85  ? -7.836  7.226   -22.765 1.00 37.06  ? 85  ALA A CB  1 
ATOM   426 N N   . GLY A 1 86  ? -6.959  8.165   -19.687 1.00 36.04  ? 86  GLY A N   1 
ATOM   427 C CA  . GLY A 1 86  ? -7.331  8.999   -18.557 1.00 35.89  ? 86  GLY A CA  1 
ATOM   428 C C   . GLY A 1 86  ? -7.662  8.180   -17.313 1.00 36.08  ? 86  GLY A C   1 
ATOM   429 O O   . GLY A 1 86  ? -8.395  8.646   -16.447 1.00 40.69  ? 86  GLY A O   1 
ATOM   430 N N   . SER A 1 87  ? -7.112  6.966   -17.227 1.00 35.50  ? 87  SER A N   1 
ATOM   431 C CA  . SER A 1 87  ? -7.369  6.100   -16.091 1.00 35.35  ? 87  SER A CA  1 
ATOM   432 C C   . SER A 1 87  ? -6.355  6.390   -14.990 1.00 32.76  ? 87  SER A C   1 
ATOM   433 O O   . SER A 1 87  ? -5.293  6.948   -15.249 1.00 33.25  ? 87  SER A O   1 
ATOM   434 C CB  . SER A 1 87  ? -7.355  4.654   -16.493 1.00 37.19  ? 87  SER A CB  1 
ATOM   435 O OG  . SER A 1 87  ? -6.064  4.266   -16.948 1.00 40.50  ? 87  SER A OG  1 
ATOM   436 N N   . ILE A 1 88  ? -6.711  6.018   -13.761 1.00 30.76  ? 88  ILE A N   1 
ATOM   437 C CA  . ILE A 1 88  ? -5.798  6.077   -12.635 1.00 30.37  ? 88  ILE A CA  1 
ATOM   438 C C   . ILE A 1 88  ? -5.721  4.675   -12.040 1.00 30.80  ? 88  ILE A C   1 
ATOM   439 O O   . ILE A 1 88  ? -6.711  4.168   -11.516 1.00 33.31  ? 88  ILE A O   1 
ATOM   440 C CB  . ILE A 1 88  ? -6.266  7.139   -11.616 1.00 32.22  ? 88  ILE A CB  1 
ATOM   441 C CG1 . ILE A 1 88  ? -6.423  8.514   -12.272 1.00 32.86  ? 88  ILE A CG1 1 
ATOM   442 C CG2 . ILE A 1 88  ? -5.338  7.183   -10.410 1.00 31.85  ? 88  ILE A CG2 1 
ATOM   443 C CD1 . ILE A 1 88  ? -7.001  9.569   -11.362 1.00 35.41  ? 88  ILE A CD1 1 
ATOM   444 N N   . ALA A 1 89  ? -4.544  4.049   -12.126 1.00 30.60  ? 89  ALA A N   1 
ATOM   445 C CA  . ALA A 1 89  ? -4.398  2.653   -11.746 1.00 29.26  ? 89  ALA A CA  1 
ATOM   446 C C   . ALA A 1 89  ? -4.333  2.526   -10.230 1.00 28.66  ? 89  ALA A C   1 
ATOM   447 O O   . ALA A 1 89  ? -5.188  1.882   -9.631  1.00 29.44  ? 89  ALA A O   1 
ATOM   448 C CB  . ALA A 1 89  ? -3.192  2.045   -12.413 1.00 28.75  ? 89  ALA A CB  1 
ATOM   449 N N   . ALA A 1 90  ? -3.321  3.132   -9.606  1.00 27.06  ? 90  ALA A N   1 
ATOM   450 C CA  . ALA A 1 90  ? -3.177  3.056   -8.165  1.00 27.10  ? 90  ALA A CA  1 
ATOM   451 C C   . ALA A 1 90  ? -2.971  4.460   -7.599  1.00 28.69  ? 90  ALA A C   1 
ATOM   452 O O   . ALA A 1 90  ? -2.012  5.142   -7.953  1.00 29.79  ? 90  ALA A O   1 
ATOM   453 C CB  . ALA A 1 90  ? -2.035  2.142   -7.793  1.00 26.66  ? 90  ALA A CB  1 
ATOM   454 N N   . ALA A 1 91  ? -3.879  4.873   -6.710  1.00 27.09  ? 91  ALA A N   1 
ATOM   455 C CA  . ALA A 1 91  ? -3.853  6.214   -6.152  1.00 27.78  ? 91  ALA A CA  1 
ATOM   456 C C   . ALA A 1 91  ? -4.001  6.105   -4.643  1.00 27.22  ? 91  ALA A C   1 
ATOM   457 O O   . ALA A 1 91  ? -4.979  5.539   -4.159  1.00 28.16  ? 91  ALA A O   1 
ATOM   458 C CB  . ALA A 1 91  ? -4.942  7.058   -6.777  1.00 26.76  ? 91  ALA A CB  1 
ATOM   459 N N   . THR A 1 92  ? -3.002  6.613   -3.924  1.00 26.14  ? 92  THR A N   1 
ATOM   460 C CA  . THR A 1 92  ? -3.010  6.647   -2.476  1.00 27.47  ? 92  THR A CA  1 
ATOM   461 C C   . THR A 1 92  ? -2.769  8.086   -2.030  1.00 27.11  ? 92  THR A C   1 
ATOM   462 O O   . THR A 1 92  ? -1.684  8.617   -2.250  1.00 25.97  ? 92  THR A O   1 
ATOM   463 C CB  . THR A 1 92  ? -1.935  5.711   -1.905  1.00 30.18  ? 92  THR A CB  1 
ATOM   464 O OG1 . THR A 1 92  ? -2.142  4.400   -2.442  1.00 33.84  ? 92  THR A OG1 1 
ATOM   465 C CG2 . THR A 1 92  ? -1.954  5.652   -0.397  1.00 30.33  ? 92  THR A CG2 1 
ATOM   466 N N   . GLY A 1 93  ? -3.771  8.703   -1.392  1.00 25.97  ? 93  GLY A N   1 
ATOM   467 C CA  . GLY A 1 93  ? -3.660  10.090  -0.967  1.00 25.12  ? 93  GLY A CA  1 
ATOM   468 C C   . GLY A 1 93  ? -3.709  11.014  -2.176  1.00 24.45  ? 93  GLY A C   1 
ATOM   469 O O   . GLY A 1 93  ? -2.688  11.546  -2.604  1.00 25.42  ? 93  GLY A O   1 
ATOM   470 N N   . PHE A 1 94  ? -4.905  11.168  -2.737  1.00 23.24  ? 94  PHE A N   1 
ATOM   471 C CA  . PHE A 1 94  ? -5.060  11.756  -4.052  1.00 24.40  ? 94  PHE A CA  1 
ATOM   472 C C   . PHE A 1 94  ? -6.240  12.724  -4.047  1.00 24.54  ? 94  PHE A C   1 
ATOM   473 O O   . PHE A 1 94  ? -7.347  12.347  -3.673  1.00 26.74  ? 94  PHE A O   1 
ATOM   474 C CB  . PHE A 1 94  ? -5.272  10.634  -5.073  1.00 23.78  ? 94  PHE A CB  1 
ATOM   475 C CG  . PHE A 1 94  ? -5.115  11.033  -6.515  1.00 25.48  ? 94  PHE A CG  1 
ATOM   476 C CD1 . PHE A 1 94  ? -6.010  11.903  -7.121  1.00 25.44  ? 94  PHE A CD1 1 
ATOM   477 C CD2 . PHE A 1 94  ? -4.054  10.543  -7.270  1.00 26.13  ? 94  PHE A CD2 1 
ATOM   478 C CE1 . PHE A 1 94  ? -5.852  12.264  -8.451  1.00 26.35  ? 94  PHE A CE1 1 
ATOM   479 C CE2 . PHE A 1 94  ? -3.897  10.909  -8.597  1.00 25.82  ? 94  PHE A CE2 1 
ATOM   480 C CZ  . PHE A 1 94  ? -4.797  11.766  -9.187  1.00 26.26  ? 94  PHE A CZ  1 
ATOM   481 N N   . VAL A 1 95  ? -6.001  13.962  -4.481  1.00 24.83  ? 95  VAL A N   1 
ATOM   482 C CA  . VAL A 1 95  ? -7.061  14.948  -4.615  1.00 25.08  ? 95  VAL A CA  1 
ATOM   483 C C   . VAL A 1 95  ? -7.199  15.292  -6.089  1.00 25.56  ? 95  VAL A C   1 
ATOM   484 O O   . VAL A 1 95  ? -6.244  15.760  -6.697  1.00 25.88  ? 95  VAL A O   1 
ATOM   485 C CB  . VAL A 1 95  ? -6.770  16.215  -3.786  1.00 26.42  ? 95  VAL A CB  1 
ATOM   486 C CG1 . VAL A 1 95  ? -7.841  17.278  -3.997  1.00 26.38  ? 95  VAL A CG1 1 
ATOM   487 C CG2 . VAL A 1 95  ? -6.606  15.890  -2.312  1.00 25.18  ? 95  VAL A CG2 1 
ATOM   488 N N   . LYS A 1 96  ? -8.391  15.065  -6.642  1.00 28.21  ? 96  LYS A N   1 
ATOM   489 C CA  . LYS A 1 96  ? -8.671  15.338  -8.041  1.00 32.04  ? 96  LYS A CA  1 
ATOM   490 C C   . LYS A 1 96  ? -9.775  16.390  -8.127  1.00 34.41  ? 96  LYS A C   1 
ATOM   491 O O   . LYS A 1 96  ? -10.921 16.121  -7.774  1.00 36.17  ? 96  LYS A O   1 
ATOM   492 C CB  . LYS A 1 96  ? -9.086  14.046  -8.748  1.00 33.73  ? 96  LYS A CB  1 
ATOM   493 C CG  . LYS A 1 96  ? -9.154  14.114  -10.266 1.00 35.89  ? 96  LYS A CG  1 
ATOM   494 C CD  . LYS A 1 96  ? -9.548  12.792  -10.902 1.00 38.39  ? 96  LYS A CD  1 
ATOM   495 C CE  . LYS A 1 96  ? -9.845  12.911  -12.381 1.00 41.00  ? 96  LYS A CE  1 
ATOM   496 N NZ  . LYS A 1 96  ? -8.641  13.309  -13.143 1.00 46.46  ? 96  LYS A NZ  1 
ATOM   497 N N   . LYS A 1 97  ? -9.416  17.590  -8.589  1.00 37.16  ? 97  LYS A N   1 
ATOM   498 C CA  . LYS A 1 97  ? -10.364 18.683  -8.731  1.00 40.30  ? 97  LYS A CA  1 
ATOM   499 C C   . LYS A 1 97  ? -10.162 19.330  -10.094 1.00 40.56  ? 97  LYS A C   1 
ATOM   500 O O   . LYS A 1 97  ? -9.752  20.483  -10.177 1.00 43.76  ? 97  LYS A O   1 
ATOM   501 C CB  . LYS A 1 97  ? -10.181 19.703  -7.606  1.00 43.24  ? 97  LYS A CB  1 
ATOM   502 C CG  . LYS A 1 97  ? -10.352 19.147  -6.201  1.00 47.73  ? 97  LYS A CG  1 
ATOM   503 C CD  . LYS A 1 97  ? -10.461 20.214  -5.132  1.00 52.39  ? 97  LYS A CD  1 
ATOM   504 C CE  . LYS A 1 97  ? -10.667 19.632  -3.750  1.00 55.35  ? 97  LYS A CE  1 
ATOM   505 N NZ  . LYS A 1 97  ? -10.776 20.691  -2.717  1.00 58.58  ? 97  LYS A NZ  1 
ATOM   506 N N   . ASP A 1 98  ? -10.440 18.560  -11.149 1.00 43.05  ? 98  ASP A N   1 
ATOM   507 C CA  . ASP A 1 98  ? -10.264 19.013  -12.518 1.00 49.16  ? 98  ASP A CA  1 
ATOM   508 C C   . ASP A 1 98  ? -11.501 19.775  -12.980 1.00 52.96  ? 98  ASP A C   1 
ATOM   509 O O   . ASP A 1 98  ? -12.573 19.651  -12.394 1.00 53.58  ? 98  ASP A O   1 
ATOM   510 C CB  . ASP A 1 98  ? -10.007 17.834  -13.459 1.00 50.36  ? 98  ASP A CB  1 
ATOM   511 C CG  . ASP A 1 98  ? -8.684  17.130  -13.213 1.00 52.41  ? 98  ASP A CG  1 
ATOM   512 O OD1 . ASP A 1 98  ? -7.791  17.753  -12.605 1.00 53.98  ? 98  ASP A OD1 1 
ATOM   513 O OD2 . ASP A 1 98  ? -8.571  15.954  -13.609 1.00 55.18  ? 98  ASP A OD2 1 
ATOM   514 N N   . GLN A 1 99  ? -11.324 20.559  -14.049 1.00 59.93  ? 99  GLN A N   1 
ATOM   515 C CA  . GLN A 1 99  ? -12.408 21.290  -14.682 1.00 64.84  ? 99  GLN A CA  1 
ATOM   516 C C   . GLN A 1 99  ? -12.427 20.937  -16.167 1.00 69.23  ? 99  GLN A C   1 
ATOM   517 O O   . GLN A 1 99  ? -11.507 21.293  -16.900 1.00 70.97  ? 99  GLN A O   1 
ATOM   518 C CB  . GLN A 1 99  ? -12.225 22.792  -14.461 1.00 66.33  ? 99  GLN A CB  1 
ATOM   519 C CG  . GLN A 1 99  ? -12.289 23.194  -12.996 1.00 69.68  ? 99  GLN A CG  1 
ATOM   520 C CD  . GLN A 1 99  ? -11.958 24.649  -12.769 1.00 74.01  ? 99  GLN A CD  1 
ATOM   521 O OE1 . GLN A 1 99  ? -11.612 25.383  -13.693 1.00 78.20  ? 99  GLN A OE1 1 
ATOM   522 N NE2 . GLN A 1 99  ? -12.054 25.078  -11.520 1.00 74.68  ? 99  GLN A NE2 1 
ATOM   523 N N   . LEU A 1 100 ? -13.481 20.227  -16.587 1.00 76.53  ? 100 LEU A N   1 
ATOM   524 C CA  . LEU A 1 100 ? -13.635 19.780  -17.962 1.00 81.30  ? 100 LEU A CA  1 
ATOM   525 C C   . LEU A 1 100 ? -14.657 20.675  -18.673 1.00 83.65  ? 100 LEU A C   1 
ATOM   526 O O   . LEU A 1 100 ? -14.582 21.905  -18.465 1.00 86.18  ? 100 LEU A O   1 
ATOM   527 C CB  . LEU A 1 100 ? -14.091 18.315  -17.969 1.00 84.48  ? 100 LEU A CB  1 
ATOM   528 C CG  . LEU A 1 100 ? -13.078 17.276  -17.479 1.00 85.53  ? 100 LEU A CG  1 
ATOM   529 C CD1 . LEU A 1 100 ? -11.716 17.492  -18.120 1.00 86.45  ? 100 LEU A CD1 1 
ATOM   530 C CD2 . LEU A 1 100 ? -12.957 17.271  -15.957 1.00 85.72  ? 100 LEU A CD2 1 
ATOM   531 N N   . UNK B 2 1   ? 3.029   17.164  26.029  1.00 77.60  ? 2   UNK C N   1 
ATOM   532 C CA  . UNK B 2 1   ? 1.719   17.613  25.500  1.00 75.42  ? 2   UNK C CA  1 
ATOM   533 C C   . UNK B 2 1   ? 1.795   17.755  23.981  1.00 73.58  ? 2   UNK C C   1 
ATOM   534 O O   . UNK B 2 1   ? 2.839   18.112  23.437  1.00 74.27  ? 2   UNK C O   1 
ATOM   535 C CB  . UNK B 2 1   ? 1.320   18.912  26.157  1.00 76.12  ? 2   UNK C CB  1 
ATOM   536 N N   . UNK B 2 2   ? 0.672   17.473  23.308  1.00 70.55  ? 3   UNK C N   1 
ATOM   537 C CA  . UNK B 2 2   ? 0.575   17.593  21.863  1.00 67.90  ? 3   UNK C CA  1 
ATOM   538 C C   . UNK B 2 2   ? -0.771  18.216  21.496  1.00 66.82  ? 3   UNK C C   1 
ATOM   539 O O   . UNK B 2 2   ? -1.812  17.577  21.640  1.00 66.08  ? 3   UNK C O   1 
ATOM   540 C CB  . UNK B 2 2   ? 0.758   16.239  21.222  1.00 68.47  ? 3   UNK C CB  1 
ATOM   541 N N   . UNK B 2 3   ? -0.734  19.467  21.022  1.00 65.61  ? 4   UNK C N   1 
ATOM   542 C CA  . UNK B 2 3   ? -1.941  20.232  20.753  1.00 65.21  ? 4   UNK C CA  1 
ATOM   543 C C   . UNK B 2 3   ? -1.987  20.636  19.281  1.00 65.02  ? 4   UNK C C   1 
ATOM   544 O O   . UNK B 2 3   ? -0.955  20.917  18.677  1.00 67.31  ? 4   UNK C O   1 
ATOM   545 C CB  . UNK B 2 3   ? -1.990  21.441  21.656  1.00 65.63  ? 4   UNK C CB  1 
ATOM   546 N N   . UNK B 2 4   ? -3.200  20.664  18.720  1.00 64.45  ? 5   UNK C N   1 
ATOM   547 C CA  . UNK B 2 4   ? -3.417  21.092  17.348  1.00 65.77  ? 5   UNK C CA  1 
ATOM   548 C C   . UNK B 2 4   ? -4.711  21.898  17.273  1.00 67.43  ? 5   UNK C C   1 
ATOM   549 O O   . UNK B 2 4   ? -5.776  21.393  17.621  1.00 68.06  ? 5   UNK C O   1 
ATOM   550 C CB  . UNK B 2 4   ? -3.453  19.888  16.435  1.00 65.25  ? 5   UNK C CB  1 
ATOM   551 N N   . UNK B 2 5   ? -4.605  23.154  16.822  1.00 70.66  ? 6   UNK C N   1 
ATOM   552 C CA  . UNK B 2 5   ? -5.744  24.054  16.746  1.00 74.47  ? 6   UNK C CA  1 
ATOM   553 C C   . UNK B 2 5   ? -5.909  24.562  15.316  1.00 77.64  ? 6   UNK C C   1 
ATOM   554 O O   . UNK B 2 5   ? -4.936  24.663  14.573  1.00 80.71  ? 6   UNK C O   1 
ATOM   555 C CB  . UNK B 2 5   ? -5.559  25.193  17.719  1.00 76.36  ? 6   UNK C CB  1 
ATOM   556 N N   . UNK B 2 6   ? -7.156  24.877  14.949  1.00 81.27  ? 7   UNK C N   1 
ATOM   557 C CA  . UNK B 2 6   ? -7.474  25.397  13.628  1.00 82.66  ? 7   UNK C CA  1 
ATOM   558 C C   . UNK B 2 6   ? -8.745  26.242  13.704  1.00 84.88  ? 7   UNK C C   1 
ATOM   559 O O   . UNK B 2 6   ? -9.572  26.044  14.593  1.00 85.96  ? 7   UNK C O   1 
ATOM   560 C CB  . UNK B 2 6   ? -7.618  24.258  12.648  1.00 82.43  ? 7   UNK C CB  1 
ATOM   561 N N   . UNK B 2 7   ? -8.881  27.185  12.765  1.00 87.69  ? 8   UNK C N   1 
ATOM   562 C CA  . UNK B 2 7   ? -10.020 28.090  12.726  1.00 89.25  ? 8   UNK C CA  1 
ATOM   563 C C   . UNK B 2 7   ? -10.370 28.421  11.271  1.00 90.61  ? 8   UNK C C   1 
ATOM   564 O O   . UNK B 2 7   ? -9.467  28.909  10.563  1.00 93.04  ? 8   UNK C O   1 
ATOM   565 C CB  . UNK B 2 7   ? -9.707  29.336  13.517  1.00 89.54  ? 8   UNK C CB  1 
HETATM 566 O O   . HOH C 3 .   ? -0.396  3.864   2.436   1.00 45.64  ? 201 HOH A O   1 
HETATM 567 O O   . HOH C 3 .   ? 4.210   -18.024 -9.445  1.00 44.53  ? 202 HOH A O   1 
HETATM 568 O O   . HOH C 3 .   ? 2.315   -4.336  7.004   1.00 39.81  ? 203 HOH A O   1 
HETATM 569 O O   . HOH C 3 .   ? -0.475  6.690   16.334  1.00 44.08  ? 204 HOH A O   1 
HETATM 570 O O   . HOH C 3 .   ? -4.577  2.757   -3.499  1.00 37.52  ? 205 HOH A O   1 
HETATM 571 O O   . HOH C 3 .   ? -2.900  11.920  19.341  1.00 53.44  ? 206 HOH A O   1 
HETATM 572 O O   . HOH C 3 .   ? 7.668   -13.294 2.358   1.00 79.59  ? 207 HOH A O   1 
HETATM 573 O O   . HOH C 3 .   ? -3.242  18.391  13.673  1.00 44.94  ? 208 HOH A O   1 
# 
